data_8U1U
#
_entry.id   8U1U
#
_cell.length_a   1.00
_cell.length_b   1.00
_cell.length_c   1.00
_cell.angle_alpha   90.00
_cell.angle_beta   90.00
_cell.angle_gamma   90.00
#
_symmetry.space_group_name_H-M   'P 1'
#
loop_
_entity.id
_entity.type
_entity.pdbx_description
1 polymer 'C-C motif chemokine 1,C-C chemokine receptor type 8,EGFP fusion protein'
2 polymer 'Guanine nucleotide-binding protein G(i) subunit alpha-1'
3 polymer 'Guanine nucleotide-binding protein G(I)/G(S)/G(T) subunit beta-1'
4 polymer 'Guanine nucleotide-binding protein G(I)/G(S)/G(O) subunit gamma-2'
5 polymer 'scFv fragment'
6 non-polymer 2-acetamido-2-deoxy-beta-D-glucopyranose
#
loop_
_entity_poly.entity_id
_entity_poly.type
_entity_poly.pdbx_seq_one_letter_code
_entity_poly.pdbx_strand_id
1 'polypeptide(L)'
;KSMQVPFSRCCFSFCEQEIPLRAILCYRNTSSICSNEGLIFKLKRGKEACALDTVGWVQRHRKMLRHCPSKRKGSGSGSG
SGSGSGSGSGSGSGSGSDYTLDLSVTTVTDYYYPDICSSPCDAELIQTNGKLLLAVFYCLLFVFSLLGNSLVILVLVVCK
KLRSITDVYLLNLALSDLLFVFSFPFQTYYLLDQWVFGTVMCKVVSGFYYIGFYSSMFFITLMSVDRYLAVVHAVYALKV
RTIRMGTTLCLAVWLTAIMATIPLLVFYQVASEDGVLQCYSFYNQQTLKWKIFTNFKMNILGLLIPFTIFMFCYIKILHQ
LKRCQNHNKTKAIRLVLIVVIASLLFWVPFNVVLFLTSLHSMHILDGCSISQQLTYATHVTEIISFTHCCVNPVIYAFVG
EKFKKHLSEIFQKSCSQIFNYLGRQMPRESCEKSSSCQQHSSRSSSVDYILGGSDYKDDDDKGGSLEVLFQGPMVSKGEE
LFTGVVPILVELDGDVNGHKFSVSGEGEGDATYGKLTLKLICTTGKLPVPWPTLVTTLGYGLQCFARYPDHMKQHDFFKS
AMPEGYVQERTIFFKDDGNYKTRAEVKFEGDTLVNRIELKGIDFKEDGNILGHKLEYNYNSHNVYITADKQKNGIKANFK
IRHNIEDGGVQLADHYQQNTPIGDGPVLLPDNHYLSYQSKLSKDPNEKRDHMVLLEFVTAAGITLGMDELYKGSAWSHPQ
FEKGGGSGGGSGGSAWSHPQFEK
;
A
2 'polypeptide(L)'
;MKKHHHHHHHHHHENLYFQGGSMGCTLSAEDKAAVERSKMIDRNLREDGEKAAREVKLLLLGAGESGKSTIVKQMKIIHE
AGYSEEECKQYKAVVYSNTIQSIIAIIRAMGRLKIDFGDSARADDARQLFVLAGAAEEGFMTAELAGVIKRLWKDSGVQA
CFNRSREYQLNDSAAYYLNDLDRIAQPNYIPTQQDVLRTRVKTTGIVETHFTFKDLHFKMFDVGGQRSERKKWIHCFEGV
TAIIFCVALSDYDLVLAEDEEMNRMHESMKLFDSICNNKWFTDTSIILFLNKKDLFEEKIKKSPLTICYPEYAGSNTYEE
AAAYIQCQFEDLNKRKDTKEIYTHFTCATDTKNVQFVFDAVTDVIIKNNLKDCGLF
;
B
3 'polypeptide(L)'
;MHHHHHHHHGENLYFQGSSELDQLRQEAEQLKNQIRDARKACADATLSQITNNIDPVGRIQMRTRRTLRGHLAKIYAMHW
GTDSRLLVSASQDGKLIIWDSYTTNKVHAIPLRSSWVMTCAYAPSGNYVACGGLDNICSIYNLKTREGNVRVSRELAGHT
GYLSCCRFLDDNQIVTSSGDTTCALWDIETGQQTTTFTGHTGDVMSLSLAPDTRLFVSGACDASAKLWDVREGMCRQTFT
GHESDINAICFFPNGNAFATGSDDATCRLFDLRADQELMTYSHDNIICGITSVSFSKSGRLLLAGYDDFNCNVWDALKAD
RAGVLAGHDNRVSCLGVTDDGMAVATGSWDSFLKIWN
;
C
4 'polypeptide(L)' MASNNTASIAQARKLVEQLKMEANIDRIKVSKAAADLMAYCEAHAKEDPLLTPVPASENPFREKKFFCAIL D
5 'polypeptide(L)'
;AGSDVQLVESGGGLVQPGGSRKLSCSASGFAFSSFGMHWVRQAPEKGLEWVAYISSGSGTIYYADTVKGRFTISRDDPKN
TLFLQMTSLRSEDTAMYYCVRSIYYYGSSPFDFWGQGTTLTVSSGGSDIVMTQATSSVPVTPGESVSISCRSSKSLLHSN
GNTYLYWFLQRPGQSPQLLIYRMSNLASGVPDRFSGSGSGTAFTLTISRLEAEDVGVYYCMQHLEYPLTFGAGTKLELKA
AAGNSLVPRGSHHHHHHHH
;
E
#
loop_
_chem_comp.id
_chem_comp.type
_chem_comp.name
_chem_comp.formula
NAG D-saccharide, beta linking 2-acetamido-2-deoxy-beta-D-glucopyranose 'C8 H15 N O6'
#
# COMPACT_ATOMS: atom_id res chain seq x y z
N LYS A 1 17.70 -42.52 19.46
CA LYS A 1 17.01 -42.45 18.15
C LYS A 1 16.44 -41.06 17.91
N SER A 2 17.23 -40.22 17.27
CA SER A 2 16.81 -38.85 16.94
C SER A 2 17.86 -38.21 16.07
N MET A 3 17.59 -36.97 15.67
CA MET A 3 18.54 -36.24 14.83
C MET A 3 19.86 -36.01 15.54
N GLN A 4 19.84 -35.94 16.88
CA GLN A 4 21.03 -35.65 17.66
C GLN A 4 21.59 -36.86 18.40
N VAL A 5 20.88 -37.99 18.40
CA VAL A 5 21.32 -39.17 19.15
C VAL A 5 21.01 -40.42 18.35
N PRO A 6 21.99 -41.06 17.72
CA PRO A 6 21.75 -42.37 17.11
C PRO A 6 21.91 -43.51 18.11
N PHE A 7 21.21 -44.60 17.83
CA PHE A 7 21.32 -45.79 18.66
C PHE A 7 22.66 -46.48 18.41
N SER A 8 23.66 -46.15 19.21
CA SER A 8 24.99 -46.72 19.08
C SER A 8 25.29 -47.62 20.26
N ARG A 9 25.87 -48.77 19.98
CA ARG A 9 26.35 -49.69 21.01
C ARG A 9 27.85 -49.48 21.16
N CYS A 10 28.27 -49.14 22.37
CA CYS A 10 29.64 -48.72 22.65
C CYS A 10 30.36 -49.69 23.57
N CYS A 11 31.66 -49.43 23.71
CA CYS A 11 32.50 -50.08 24.70
C CYS A 11 33.23 -48.98 25.46
N PHE A 12 33.02 -48.94 26.78
CA PHE A 12 33.72 -48.00 27.66
C PHE A 12 34.57 -48.73 28.69
N SER A 13 34.89 -50.00 28.45
CA SER A 13 35.68 -50.78 29.40
C SER A 13 36.42 -51.88 28.64
N PHE A 14 37.48 -52.38 29.26
CA PHE A 14 38.45 -53.27 28.61
C PHE A 14 38.65 -54.53 29.43
N CYS A 15 38.65 -55.67 28.76
CA CYS A 15 39.00 -56.96 29.35
C CYS A 15 40.35 -57.40 28.81
N GLU A 16 41.25 -57.79 29.71
CA GLU A 16 42.65 -58.04 29.36
C GLU A 16 42.94 -59.48 28.95
N GLN A 17 41.98 -60.39 29.09
CA GLN A 17 42.23 -61.79 28.73
C GLN A 17 42.30 -61.92 27.22
N GLU A 18 43.32 -62.64 26.75
CA GLU A 18 43.72 -62.62 25.35
C GLU A 18 43.40 -63.88 24.57
N ILE A 19 42.81 -64.90 25.20
CA ILE A 19 42.43 -66.12 24.48
C ILE A 19 41.05 -66.64 24.86
N PRO A 20 39.99 -65.81 24.80
CA PRO A 20 38.64 -66.38 24.77
C PRO A 20 38.30 -66.86 23.38
N LEU A 21 38.75 -68.07 23.04
CA LEU A 21 38.91 -68.45 21.64
C LEU A 21 37.83 -69.40 21.11
N ARG A 22 36.96 -69.94 21.95
CA ARG A 22 36.03 -71.00 21.54
C ARG A 22 34.60 -70.60 21.89
N ALA A 23 33.83 -70.19 20.88
CA ALA A 23 32.42 -69.89 21.02
C ALA A 23 31.86 -69.60 19.63
N ILE A 24 30.59 -69.20 19.53
CA ILE A 24 30.13 -68.60 18.28
C ILE A 24 30.93 -67.34 18.00
N LEU A 25 31.24 -66.59 19.05
CA LEU A 25 32.41 -65.71 19.12
C LEU A 25 32.48 -64.69 17.99
N CYS A 26 31.39 -64.49 17.25
CA CYS A 26 31.44 -63.63 16.08
C CYS A 26 31.54 -62.16 16.49
N TYR A 27 32.39 -61.41 15.79
CA TYR A 27 32.79 -60.08 16.23
C TYR A 27 31.95 -58.99 15.57
N ARG A 28 32.13 -57.77 16.07
CA ARG A 28 31.50 -56.57 15.53
C ARG A 28 32.40 -55.37 15.81
N ASN A 29 32.39 -54.42 14.89
CA ASN A 29 33.00 -53.12 15.15
C ASN A 29 32.06 -52.29 16.00
N THR A 30 32.61 -51.49 16.89
CA THR A 30 31.80 -50.51 17.59
C THR A 30 31.25 -49.49 16.60
N SER A 31 30.14 -48.85 16.98
CA SER A 31 29.55 -47.86 16.10
C SER A 31 30.53 -46.73 15.79
N SER A 32 30.37 -46.14 14.61
CA SER A 32 31.30 -45.10 14.17
C SER A 32 31.24 -43.89 15.09
N ILE A 33 30.04 -43.51 15.52
CA ILE A 33 29.89 -42.33 16.38
C ILE A 33 30.67 -42.48 17.66
N CYS A 34 30.83 -43.71 18.16
CA CYS A 34 31.31 -43.88 19.51
C CYS A 34 32.78 -43.47 19.62
N SER A 35 33.12 -42.80 20.71
CA SER A 35 34.45 -42.18 20.86
C SER A 35 35.56 -43.16 21.21
N ASN A 36 35.29 -44.27 21.89
CA ASN A 36 36.37 -45.10 22.41
C ASN A 36 36.84 -46.18 21.44
N GLU A 37 36.28 -46.25 20.24
CA GLU A 37 36.70 -47.25 19.25
C GLU A 37 36.46 -48.64 19.86
N GLY A 38 37.29 -49.62 19.51
CA GLY A 38 37.23 -50.93 20.10
C GLY A 38 36.52 -51.94 19.23
N LEU A 39 36.44 -53.17 19.76
CA LEU A 39 35.76 -54.27 19.10
C LEU A 39 34.86 -54.96 20.11
N ILE A 40 33.81 -55.61 19.61
CA ILE A 40 32.84 -56.34 20.41
C ILE A 40 32.88 -57.79 20.00
N PHE A 41 32.90 -58.69 20.98
CA PHE A 41 32.72 -60.12 20.73
C PHE A 41 31.40 -60.57 21.32
N LYS A 42 30.67 -61.38 20.57
CA LYS A 42 29.44 -62.00 21.05
C LYS A 42 29.73 -63.47 21.33
N LEU A 43 29.58 -63.88 22.58
CA LEU A 43 29.91 -65.23 23.01
C LEU A 43 28.66 -66.10 23.03
N LYS A 44 28.89 -67.43 22.99
CA LYS A 44 27.79 -68.38 23.02
C LYS A 44 27.08 -68.40 24.35
N ARG A 45 27.73 -67.94 25.42
CA ARG A 45 27.08 -67.78 26.72
C ARG A 45 26.19 -66.55 26.80
N GLY A 46 26.01 -65.84 25.69
CA GLY A 46 25.18 -64.65 25.65
C GLY A 46 25.89 -63.39 26.04
N LYS A 47 26.85 -63.47 26.95
CA LYS A 47 27.62 -62.29 27.33
C LYS A 47 28.43 -61.79 26.14
N GLU A 48 28.38 -60.48 25.93
CA GLU A 48 29.22 -59.81 24.95
C GLU A 48 30.39 -59.16 25.68
N ALA A 49 31.55 -59.19 25.04
CA ALA A 49 32.81 -58.73 25.64
C ALA A 49 33.39 -57.60 24.81
N CYS A 50 34.29 -56.85 25.46
CA CYS A 50 34.90 -55.66 24.89
C CYS A 50 36.36 -55.94 24.57
N ALA A 51 36.82 -55.34 23.48
CA ALA A 51 38.20 -55.47 23.01
C ALA A 51 38.73 -54.12 22.56
N LEU A 52 38.69 -53.15 23.48
CA LEU A 52 39.01 -51.77 23.14
C LEU A 52 40.38 -51.64 22.49
N ASP A 53 41.30 -52.55 22.79
CA ASP A 53 42.55 -52.66 22.04
C ASP A 53 42.28 -53.43 20.76
N THR A 54 41.65 -52.73 19.81
CA THR A 54 41.16 -53.32 18.56
C THR A 54 42.22 -54.10 17.80
N VAL A 55 43.49 -53.83 18.05
CA VAL A 55 44.59 -54.47 17.34
C VAL A 55 45.28 -55.47 18.26
N GLY A 56 46.20 -56.24 17.69
CA GLY A 56 46.99 -57.19 18.46
C GLY A 56 46.44 -58.60 18.34
N TRP A 57 46.31 -59.28 19.48
CA TRP A 57 45.69 -60.60 19.50
C TRP A 57 44.33 -60.58 18.84
N VAL A 58 43.58 -59.50 19.03
CA VAL A 58 42.21 -59.47 18.54
C VAL A 58 42.17 -59.32 17.02
N GLN A 59 43.19 -58.74 16.41
CA GLN A 59 43.20 -58.68 14.95
C GLN A 59 43.53 -60.06 14.34
N ARG A 60 44.47 -60.76 14.97
CA ARG A 60 44.74 -62.15 14.61
C ARG A 60 43.43 -62.94 14.68
N HIS A 61 42.68 -62.72 15.76
CA HIS A 61 41.37 -63.36 15.90
C HIS A 61 40.41 -62.88 14.82
N ARG A 62 40.46 -61.59 14.47
CA ARG A 62 39.50 -61.05 13.51
C ARG A 62 39.63 -61.79 12.18
N LYS A 63 40.87 -62.04 11.76
CA LYS A 63 41.10 -62.88 10.59
C LYS A 63 40.95 -64.37 10.90
N MET A 64 40.82 -64.75 12.17
CA MET A 64 40.39 -66.09 12.54
C MET A 64 38.92 -66.17 12.96
N LEU A 65 38.23 -65.03 13.05
CA LEU A 65 36.80 -64.95 13.35
C LEU A 65 36.07 -64.28 12.19
N ARG A 66 34.77 -64.05 12.37
CA ARG A 66 33.88 -63.62 11.31
C ARG A 66 32.97 -62.51 11.83
N HIS A 67 32.44 -61.72 10.90
CA HIS A 67 31.49 -60.66 11.20
C HIS A 67 30.06 -61.17 11.04
N CYS A 68 29.09 -60.46 11.63
CA CYS A 68 27.72 -60.92 11.63
C CYS A 68 26.73 -59.75 11.61
N PRO A 69 25.90 -59.63 10.59
CA PRO A 69 24.70 -58.80 10.72
C PRO A 69 23.63 -59.52 11.52
N SER A 70 22.61 -58.78 11.91
CA SER A 70 21.48 -59.32 12.66
C SER A 70 20.17 -59.03 11.94
N ASP A 115 35.28 -66.65 31.74
CA ASP A 115 35.17 -65.34 32.45
C ASP A 115 35.76 -64.22 31.59
N ILE A 116 34.92 -63.23 31.29
CA ILE A 116 35.35 -62.03 30.60
C ILE A 116 34.66 -60.84 31.27
N CYS A 117 35.37 -59.73 31.40
CA CYS A 117 35.04 -58.77 32.45
C CYS A 117 33.74 -58.02 32.16
N SER A 118 33.72 -57.24 31.08
CA SER A 118 32.73 -56.19 30.93
C SER A 118 32.03 -56.27 29.58
N SER A 119 30.84 -55.68 29.51
CA SER A 119 29.95 -55.79 28.36
C SER A 119 29.96 -54.51 27.54
N PRO A 120 29.56 -54.59 26.26
CA PRO A 120 29.32 -53.38 25.49
C PRO A 120 28.13 -52.62 26.03
N CYS A 121 28.16 -51.32 25.81
CA CYS A 121 27.35 -50.36 26.54
C CYS A 121 26.41 -49.66 25.56
N ASP A 122 25.11 -49.75 25.81
CA ASP A 122 24.13 -49.13 24.92
C ASP A 122 23.99 -47.65 25.27
N ALA A 123 23.98 -46.81 24.24
CA ALA A 123 23.89 -45.37 24.46
C ALA A 123 22.55 -44.97 25.07
N GLU A 124 21.48 -45.69 24.74
CA GLU A 124 20.14 -45.38 25.23
C GLU A 124 19.56 -46.56 25.97
N LEU A 125 18.83 -46.27 27.05
CA LEU A 125 18.17 -47.29 27.85
C LEU A 125 16.68 -47.06 27.99
N ILE A 126 16.12 -46.07 27.28
CA ILE A 126 14.71 -45.76 27.43
C ILE A 126 13.88 -46.96 27.00
N GLN A 127 12.97 -47.39 27.87
CA GLN A 127 12.14 -48.55 27.61
C GLN A 127 10.99 -48.15 26.70
N THR A 128 10.05 -49.08 26.46
CA THR A 128 8.95 -48.82 25.54
C THR A 128 8.06 -47.69 26.04
N ASN A 129 7.81 -47.64 27.35
CA ASN A 129 6.93 -46.61 27.89
C ASN A 129 7.53 -45.21 27.70
N GLY A 130 8.83 -45.07 27.94
CA GLY A 130 9.46 -43.77 27.74
C GLY A 130 9.39 -43.32 26.29
N LYS A 131 9.65 -44.23 25.35
CA LYS A 131 9.53 -43.89 23.95
C LYS A 131 8.09 -43.56 23.58
N LEU A 132 7.13 -44.24 24.19
CA LEU A 132 5.73 -43.91 23.94
C LEU A 132 5.40 -42.50 24.41
N LEU A 133 5.88 -42.13 25.61
CA LEU A 133 5.64 -40.78 26.09
C LEU A 133 6.29 -39.74 25.20
N LEU A 134 7.53 -40.00 24.78
CA LEU A 134 8.19 -39.06 23.87
C LEU A 134 7.45 -38.96 22.55
N ALA A 135 6.93 -40.08 22.05
CA ALA A 135 6.23 -40.07 20.77
C ALA A 135 4.93 -39.29 20.86
N VAL A 136 4.16 -39.48 21.93
CA VAL A 136 2.91 -38.74 22.06
C VAL A 136 3.20 -37.26 22.27
N PHE A 137 4.28 -36.93 22.99
CA PHE A 137 4.67 -35.54 23.11
C PHE A 137 5.01 -34.96 21.75
N TYR A 138 5.78 -35.70 20.93
CA TYR A 138 6.09 -35.23 19.58
C TYR A 138 4.83 -35.01 18.77
N CYS A 139 3.89 -35.95 18.82
CA CYS A 139 2.70 -35.84 17.98
C CYS A 139 1.83 -34.65 18.41
N LEU A 140 1.52 -34.56 19.70
CA LEU A 140 0.68 -33.48 20.18
C LEU A 140 1.35 -32.14 19.97
N LEU A 141 2.67 -32.08 20.18
CA LEU A 141 3.39 -30.83 19.96
C LEU A 141 3.43 -30.46 18.49
N PHE A 142 3.59 -31.45 17.61
CA PHE A 142 3.53 -31.19 16.18
C PHE A 142 2.20 -30.58 15.79
N VAL A 143 1.10 -31.17 16.26
CA VAL A 143 -0.20 -30.65 15.84
C VAL A 143 -0.45 -29.27 16.46
N PHE A 144 -0.08 -29.07 17.72
CA PHE A 144 -0.28 -27.76 18.34
C PHE A 144 0.55 -26.69 17.64
N SER A 145 1.82 -26.96 17.39
CA SER A 145 2.65 -25.98 16.71
C SER A 145 2.15 -25.73 15.29
N LEU A 146 1.74 -26.79 14.59
CA LEU A 146 1.21 -26.63 13.25
C LEU A 146 0.02 -25.69 13.24
N LEU A 147 -0.96 -25.94 14.11
CA LEU A 147 -2.14 -25.09 14.12
C LEU A 147 -1.80 -23.66 14.56
N GLY A 148 -0.89 -23.52 15.53
CA GLY A 148 -0.55 -22.19 15.99
C GLY A 148 0.14 -21.36 14.93
N ASN A 149 1.17 -21.93 14.30
CA ASN A 149 1.91 -21.22 13.27
C ASN A 149 1.03 -20.97 12.05
N SER A 150 0.17 -21.93 11.70
CA SER A 150 -0.74 -21.72 10.59
C SER A 150 -1.69 -20.57 10.89
N LEU A 151 -2.21 -20.51 12.12
CA LEU A 151 -3.08 -19.41 12.49
C LEU A 151 -2.36 -18.08 12.43
N VAL A 152 -1.12 -18.05 12.92
CA VAL A 152 -0.33 -16.81 12.91
C VAL A 152 -0.11 -16.35 11.47
N ILE A 153 0.35 -17.26 10.60
CA ILE A 153 0.62 -16.88 9.22
C ILE A 153 -0.66 -16.43 8.53
N LEU A 154 -1.74 -17.19 8.73
CA LEU A 154 -3.03 -16.84 8.14
C LEU A 154 -3.45 -15.42 8.50
N VAL A 155 -3.56 -15.14 9.80
CA VAL A 155 -4.08 -13.85 10.23
C VAL A 155 -3.10 -12.72 9.87
N LEU A 156 -1.80 -12.98 10.03
CA LEU A 156 -0.81 -11.96 9.71
C LEU A 156 -0.80 -11.61 8.23
N VAL A 157 -1.12 -12.58 7.36
CA VAL A 157 -1.15 -12.31 5.94
C VAL A 157 -2.45 -11.63 5.54
N VAL A 158 -3.59 -12.19 5.96
CA VAL A 158 -4.87 -11.73 5.43
C VAL A 158 -5.43 -10.55 6.23
N CYS A 159 -5.18 -10.49 7.54
CA CYS A 159 -5.78 -9.44 8.36
C CYS A 159 -4.85 -8.26 8.59
N LYS A 160 -3.55 -8.50 8.79
CA LYS A 160 -2.59 -7.41 8.95
C LYS A 160 -2.01 -6.90 7.64
N LYS A 161 -1.96 -7.72 6.58
CA LYS A 161 -1.31 -7.32 5.34
C LYS A 161 0.14 -6.87 5.54
N LEU A 162 0.80 -7.38 6.58
CA LEU A 162 2.25 -7.18 6.77
C LEU A 162 2.62 -5.69 6.79
N ARG A 163 1.79 -4.87 7.44
CA ARG A 163 2.00 -3.43 7.41
C ARG A 163 3.13 -2.95 8.31
N SER A 164 3.71 -3.81 9.14
CA SER A 164 4.77 -3.42 10.06
C SER A 164 6.00 -4.30 9.84
N ILE A 165 7.17 -3.74 10.19
CA ILE A 165 8.40 -4.53 10.15
C ILE A 165 8.34 -5.64 11.18
N THR A 166 7.71 -5.36 12.33
CA THR A 166 7.50 -6.40 13.33
C THR A 166 6.67 -7.54 12.75
N ASP A 167 5.67 -7.21 11.93
CA ASP A 167 4.89 -8.25 11.27
C ASP A 167 5.75 -9.08 10.34
N VAL A 168 6.70 -8.44 9.66
CA VAL A 168 7.59 -9.19 8.77
C VAL A 168 8.42 -10.18 9.57
N TYR A 169 9.03 -9.72 10.66
CA TYR A 169 9.79 -10.64 11.50
C TYR A 169 8.93 -11.76 12.04
N LEU A 170 7.71 -11.44 12.49
CA LEU A 170 6.84 -12.46 13.06
C LEU A 170 6.44 -13.48 12.00
N LEU A 171 6.14 -13.04 10.79
CA LEU A 171 5.79 -13.96 9.72
C LEU A 171 6.94 -14.90 9.41
N ASN A 172 8.15 -14.35 9.30
CA ASN A 172 9.28 -15.22 8.97
C ASN A 172 9.60 -16.16 10.13
N LEU A 173 9.41 -15.72 11.37
CA LEU A 173 9.58 -16.62 12.50
C LEU A 173 8.56 -17.76 12.45
N ALA A 174 7.32 -17.45 12.09
CA ALA A 174 6.31 -18.49 11.97
C ALA A 174 6.66 -19.48 10.87
N LEU A 175 7.16 -18.99 9.74
CA LEU A 175 7.58 -19.88 8.67
C LEU A 175 8.74 -20.76 9.12
N SER A 176 9.69 -20.20 9.87
CA SER A 176 10.79 -20.99 10.41
C SER A 176 10.28 -22.09 11.32
N ASP A 177 9.33 -21.76 12.19
CA ASP A 177 8.78 -22.76 13.10
C ASP A 177 8.06 -23.86 12.33
N LEU A 178 7.33 -23.50 11.27
CA LEU A 178 6.68 -24.52 10.45
C LEU A 178 7.71 -25.45 9.83
N LEU A 179 8.76 -24.88 9.24
CA LEU A 179 9.81 -25.69 8.65
C LEU A 179 10.42 -26.62 9.68
N PHE A 180 10.59 -26.14 10.91
CA PHE A 180 11.18 -26.98 11.95
C PHE A 180 10.26 -28.13 12.30
N VAL A 181 8.98 -27.84 12.57
CA VAL A 181 8.06 -28.89 13.00
C VAL A 181 7.76 -29.88 11.90
N PHE A 182 8.07 -29.55 10.64
CA PHE A 182 7.87 -30.56 9.60
C PHE A 182 8.69 -31.82 9.82
N SER A 183 9.73 -31.77 10.66
CA SER A 183 10.53 -32.95 10.93
C SER A 183 9.98 -33.83 12.04
N PHE A 184 8.95 -33.39 12.77
CA PHE A 184 8.48 -34.16 13.93
C PHE A 184 7.95 -35.54 13.58
N PRO A 185 7.04 -35.73 12.61
CA PRO A 185 6.56 -37.11 12.36
C PRO A 185 7.67 -38.07 11.96
N PHE A 186 8.66 -37.58 11.21
CA PHE A 186 9.83 -38.39 10.93
C PHE A 186 10.54 -38.75 12.22
N GLN A 187 10.57 -37.82 13.19
CA GLN A 187 11.18 -38.13 14.47
C GLN A 187 10.39 -39.17 15.25
N THR A 188 9.06 -39.14 15.19
CA THR A 188 8.27 -40.17 15.88
C THR A 188 8.54 -41.54 15.28
N TYR A 189 8.50 -41.64 13.95
CA TYR A 189 8.81 -42.91 13.32
C TYR A 189 10.23 -43.36 13.64
N TYR A 190 11.19 -42.42 13.61
CA TYR A 190 12.57 -42.77 13.81
C TYR A 190 12.81 -43.23 15.25
N LEU A 191 12.06 -42.68 16.19
CA LEU A 191 12.18 -43.08 17.59
C LEU A 191 11.58 -44.46 17.82
N LEU A 192 10.39 -44.71 17.28
CA LEU A 192 9.73 -45.98 17.51
C LEU A 192 10.16 -47.06 16.52
N ASP A 193 10.72 -46.66 15.38
CA ASP A 193 11.11 -47.62 14.36
C ASP A 193 12.32 -47.06 13.62
N GLN A 194 13.01 -47.94 12.90
CA GLN A 194 14.19 -47.53 12.15
C GLN A 194 13.81 -46.58 11.02
N TRP A 195 14.83 -45.96 10.42
CA TRP A 195 14.64 -45.06 9.30
C TRP A 195 14.44 -45.84 8.01
N VAL A 196 13.34 -45.54 7.31
CA VAL A 196 13.01 -46.20 6.06
C VAL A 196 12.76 -45.24 4.92
N PHE A 197 12.99 -43.93 5.11
CA PHE A 197 12.74 -42.95 4.07
C PHE A 197 13.95 -42.68 3.18
N GLY A 198 15.11 -43.27 3.49
CA GLY A 198 16.24 -43.22 2.58
C GLY A 198 17.12 -42.00 2.80
N THR A 199 18.27 -42.01 2.12
CA THR A 199 19.30 -41.00 2.34
C THR A 199 18.82 -39.62 1.93
N VAL A 200 18.12 -39.52 0.81
CA VAL A 200 17.67 -38.20 0.35
C VAL A 200 16.72 -37.59 1.37
N MET A 201 15.75 -38.37 1.85
CA MET A 201 14.85 -37.84 2.86
C MET A 201 15.57 -37.56 4.16
N CYS A 202 16.60 -38.33 4.48
CA CYS A 202 17.40 -38.04 5.67
C CYS A 202 18.05 -36.66 5.57
N LYS A 203 18.65 -36.38 4.42
CA LYS A 203 19.23 -35.05 4.21
C LYS A 203 18.17 -33.97 4.25
N VAL A 204 17.02 -34.21 3.62
CA VAL A 204 15.97 -33.18 3.58
C VAL A 204 15.45 -32.90 4.98
N VAL A 205 15.24 -33.94 5.79
CA VAL A 205 14.71 -33.74 7.13
C VAL A 205 15.74 -33.06 8.02
N SER A 206 17.02 -33.43 7.89
CA SER A 206 18.05 -32.70 8.63
C SER A 206 18.09 -31.25 8.20
N GLY A 207 17.87 -30.99 6.91
CA GLY A 207 17.81 -29.62 6.44
C GLY A 207 16.67 -28.84 7.07
N PHE A 208 15.47 -29.44 7.08
CA PHE A 208 14.35 -28.80 7.76
C PHE A 208 14.71 -28.50 9.20
N TYR A 209 15.23 -29.50 9.91
CA TYR A 209 15.51 -29.35 11.33
C TYR A 209 16.48 -28.19 11.59
N TYR A 210 17.61 -28.19 10.88
CA TYR A 210 18.64 -27.19 11.17
C TYR A 210 18.31 -25.82 10.61
N ILE A 211 17.69 -25.74 9.44
CA ILE A 211 17.24 -24.44 8.93
C ILE A 211 16.22 -23.85 9.89
N GLY A 212 15.27 -24.66 10.36
CA GLY A 212 14.31 -24.15 11.32
C GLY A 212 14.99 -23.64 12.59
N PHE A 213 15.94 -24.43 13.12
CA PHE A 213 16.61 -24.02 14.35
C PHE A 213 17.36 -22.71 14.16
N TYR A 214 18.21 -22.63 13.15
CA TYR A 214 19.02 -21.42 12.96
C TYR A 214 18.15 -20.21 12.61
N SER A 215 17.17 -20.39 11.72
CA SER A 215 16.31 -19.28 11.35
C SER A 215 15.52 -18.78 12.55
N SER A 216 15.00 -19.69 13.38
CA SER A 216 14.30 -19.25 14.58
C SER A 216 15.22 -18.46 15.50
N MET A 217 16.45 -18.95 15.69
CA MET A 217 17.42 -18.23 16.51
C MET A 217 17.61 -16.81 16.01
N PHE A 218 17.92 -16.68 14.72
CA PHE A 218 18.25 -15.37 14.19
C PHE A 218 17.02 -14.46 14.12
N PHE A 219 15.83 -15.01 13.91
CA PHE A 219 14.65 -14.16 13.88
C PHE A 219 14.28 -13.65 15.27
N ILE A 220 14.43 -14.47 16.30
CA ILE A 220 14.17 -13.93 17.64
C ILE A 220 15.23 -12.89 17.98
N THR A 221 16.48 -13.10 17.54
CA THR A 221 17.49 -12.07 17.76
C THR A 221 17.12 -10.78 17.04
N LEU A 222 16.63 -10.89 15.79
CA LEU A 222 16.25 -9.69 15.05
C LEU A 222 15.07 -8.99 15.71
N MET A 223 14.11 -9.74 16.24
CA MET A 223 13.01 -9.10 16.95
C MET A 223 13.51 -8.37 18.18
N SER A 224 14.46 -8.96 18.91
CA SER A 224 15.03 -8.29 20.08
C SER A 224 15.74 -7.00 19.68
N VAL A 225 16.53 -7.06 18.60
CA VAL A 225 17.22 -5.87 18.12
C VAL A 225 16.22 -4.80 17.68
N ASP A 226 15.16 -5.22 16.99
CA ASP A 226 14.16 -4.27 16.55
C ASP A 226 13.47 -3.59 17.73
N ARG A 227 13.14 -4.36 18.77
CA ARG A 227 12.53 -3.77 19.94
C ARG A 227 13.47 -2.80 20.64
N TYR A 228 14.75 -3.18 20.78
CA TYR A 228 15.70 -2.25 21.37
C TYR A 228 15.78 -0.97 20.56
N LEU A 229 15.86 -1.11 19.24
CA LEU A 229 15.99 0.06 18.38
C LEU A 229 14.75 0.95 18.48
N ALA A 230 13.57 0.36 18.54
CA ALA A 230 12.32 1.09 18.51
C ALA A 230 11.85 1.58 19.88
N VAL A 231 12.49 1.14 20.97
CA VAL A 231 12.15 1.62 22.30
C VAL A 231 13.22 2.55 22.86
N VAL A 232 14.49 2.21 22.69
CA VAL A 232 15.56 3.04 23.23
C VAL A 232 16.08 4.06 22.22
N HIS A 233 15.81 3.87 20.94
CA HIS A 233 16.25 4.76 19.87
C HIS A 233 15.11 5.07 18.93
N ALA A 234 13.96 5.47 19.50
CA ALA A 234 12.77 5.72 18.69
C ALA A 234 13.04 6.80 17.64
N VAL A 235 13.66 7.91 18.07
CA VAL A 235 13.89 9.03 17.16
C VAL A 235 14.76 8.59 15.99
N TYR A 236 15.82 7.84 16.28
CA TYR A 236 16.64 7.28 15.20
C TYR A 236 15.96 6.11 14.52
N ALA A 237 15.12 5.36 15.25
CA ALA A 237 14.45 4.20 14.67
C ALA A 237 13.53 4.62 13.54
N LEU A 238 12.93 5.81 13.62
CA LEU A 238 12.08 6.27 12.53
C LEU A 238 12.81 6.27 11.19
N LYS A 239 14.11 6.52 11.21
CA LYS A 239 14.88 6.66 9.98
C LYS A 239 15.32 5.32 9.39
N VAL A 240 15.21 4.23 10.12
CA VAL A 240 15.73 2.95 9.66
C VAL A 240 14.72 1.81 9.72
N ARG A 241 13.64 1.90 10.49
CA ARG A 241 12.66 0.82 10.59
C ARG A 241 11.62 0.99 9.49
N THR A 242 11.80 0.26 8.39
CA THR A 242 10.84 0.23 7.30
C THR A 242 10.75 -1.20 6.79
N ILE A 243 9.71 -1.46 6.00
CA ILE A 243 9.45 -2.82 5.54
C ILE A 243 10.62 -3.34 4.72
N ARG A 244 11.22 -2.48 3.90
CA ARG A 244 12.33 -2.91 3.05
C ARG A 244 13.50 -3.38 3.90
N MET A 245 13.82 -2.66 4.97
CA MET A 245 14.92 -3.06 5.83
C MET A 245 14.64 -4.41 6.48
N GLY A 246 13.42 -4.62 6.96
CA GLY A 246 13.08 -5.91 7.55
C GLY A 246 13.17 -7.04 6.55
N THR A 247 12.68 -6.82 5.34
CA THR A 247 12.77 -7.85 4.30
C THR A 247 14.22 -8.18 3.99
N THR A 248 15.06 -7.15 3.84
CA THR A 248 16.47 -7.40 3.54
C THR A 248 17.14 -8.16 4.68
N LEU A 249 16.88 -7.76 5.92
CA LEU A 249 17.48 -8.46 7.04
C LEU A 249 16.99 -9.89 7.14
N CYS A 250 15.75 -10.16 6.75
CA CYS A 250 15.23 -11.52 6.83
C CYS A 250 15.76 -12.41 5.73
N LEU A 251 15.94 -11.88 4.52
CA LEU A 251 16.69 -12.65 3.52
C LEU A 251 18.12 -12.89 3.98
N ALA A 252 18.73 -11.93 4.66
CA ALA A 252 20.05 -12.19 5.24
C ALA A 252 19.98 -13.34 6.23
N VAL A 253 18.94 -13.37 7.06
CA VAL A 253 18.79 -14.45 8.04
C VAL A 253 18.65 -15.80 7.34
N TRP A 254 17.82 -15.85 6.30
CA TRP A 254 17.66 -17.11 5.58
C TRP A 254 18.96 -17.56 4.94
N LEU A 255 19.68 -16.64 4.30
CA LEU A 255 20.93 -17.00 3.65
C LEU A 255 21.97 -17.49 4.65
N THR A 256 22.08 -16.83 5.81
CA THR A 256 23.05 -17.30 6.78
C THR A 256 22.63 -18.62 7.41
N ALA A 257 21.32 -18.86 7.59
CA ALA A 257 20.88 -20.16 8.06
C ALA A 257 21.22 -21.25 7.06
N ILE A 258 21.00 -21.00 5.76
CA ILE A 258 21.41 -21.96 4.74
C ILE A 258 22.91 -22.20 4.80
N MET A 259 23.68 -21.12 4.93
CA MET A 259 25.13 -21.27 4.97
C MET A 259 25.55 -22.13 6.15
N ALA A 260 24.90 -21.97 7.29
CA ALA A 260 25.20 -22.82 8.43
C ALA A 260 24.77 -24.27 8.18
N THR A 261 23.69 -24.47 7.43
CA THR A 261 23.14 -25.81 7.32
C THR A 261 23.83 -26.69 6.27
N ILE A 262 24.38 -26.10 5.21
CA ILE A 262 24.93 -26.93 4.13
C ILE A 262 25.94 -27.96 4.63
N PRO A 263 26.88 -27.63 5.52
CA PRO A 263 27.79 -28.68 6.02
C PRO A 263 27.05 -29.81 6.70
N LEU A 264 26.11 -29.48 7.58
CA LEU A 264 25.29 -30.51 8.22
C LEU A 264 24.43 -31.22 7.20
N LEU A 265 23.97 -30.50 6.17
CA LEU A 265 23.14 -31.11 5.14
C LEU A 265 23.91 -32.19 4.39
N VAL A 266 25.18 -31.94 4.08
CA VAL A 266 25.96 -32.92 3.33
C VAL A 266 26.44 -34.05 4.23
N PHE A 267 26.76 -33.75 5.50
CA PHE A 267 27.27 -34.79 6.39
C PHE A 267 26.24 -35.88 6.64
N TYR A 268 24.97 -35.53 6.76
CA TYR A 268 23.98 -36.51 7.18
C TYR A 268 23.79 -37.59 6.12
N GLN A 269 23.60 -38.83 6.60
CA GLN A 269 23.47 -40.01 5.77
C GLN A 269 22.69 -41.05 6.54
N VAL A 270 22.22 -42.06 5.83
CA VAL A 270 21.52 -43.20 6.41
C VAL A 270 22.45 -44.39 6.42
N ALA A 271 22.58 -45.02 7.59
CA ALA A 271 23.55 -46.11 7.78
C ALA A 271 22.91 -47.22 8.57
N SER A 272 23.30 -48.45 8.27
CA SER A 272 22.78 -49.64 8.94
C SER A 272 23.68 -50.02 10.12
N GLU A 273 23.69 -49.15 11.13
CA GLU A 273 24.56 -49.34 12.28
C GLU A 273 23.89 -50.26 13.31
N ASP A 274 24.62 -51.29 13.72
CA ASP A 274 24.15 -52.22 14.75
C ASP A 274 22.81 -52.87 14.37
N GLY A 275 22.61 -53.12 13.08
CA GLY A 275 21.38 -53.72 12.63
C GLY A 275 20.19 -52.79 12.66
N VAL A 276 20.41 -51.49 12.77
CA VAL A 276 19.35 -50.49 12.78
C VAL A 276 19.69 -49.41 11.77
N LEU A 277 18.71 -49.06 10.94
CA LEU A 277 18.87 -47.94 10.02
C LEU A 277 18.78 -46.64 10.79
N GLN A 278 19.72 -45.73 10.54
CA GLN A 278 19.86 -44.52 11.34
C GLN A 278 20.19 -43.35 10.42
N CYS A 279 19.46 -42.26 10.58
CA CYS A 279 19.73 -41.01 9.87
C CYS A 279 20.58 -40.11 10.76
N TYR A 280 21.85 -39.98 10.43
CA TYR A 280 22.77 -39.18 11.23
C TYR A 280 24.03 -38.95 10.39
N SER A 281 24.92 -38.10 10.92
CA SER A 281 26.15 -37.72 10.23
C SER A 281 27.11 -38.90 10.21
N PHE A 282 26.91 -39.77 9.22
CA PHE A 282 27.78 -40.91 8.97
C PHE A 282 28.70 -40.69 7.78
N TYR A 283 28.71 -39.49 7.19
CA TYR A 283 29.48 -39.25 5.98
C TYR A 283 30.95 -39.57 6.21
N ASN A 284 31.48 -40.49 5.41
CA ASN A 284 32.88 -40.90 5.45
C ASN A 284 33.22 -41.60 6.77
N GLN A 285 32.20 -42.02 7.53
CA GLN A 285 32.41 -42.73 8.80
C GLN A 285 33.26 -41.93 9.77
N GLN A 286 33.19 -40.60 9.68
CA GLN A 286 33.82 -39.69 10.64
C GLN A 286 32.81 -39.07 11.58
N THR A 287 31.85 -39.88 12.05
CA THR A 287 30.71 -39.33 12.78
C THR A 287 31.12 -38.58 14.03
N LEU A 288 32.24 -38.95 14.66
CA LEU A 288 32.65 -38.24 15.87
C LEU A 288 33.03 -36.78 15.57
N LYS A 289 33.85 -36.57 14.54
CA LYS A 289 34.26 -35.22 14.21
C LYS A 289 33.06 -34.36 13.79
N TRP A 290 32.17 -34.93 12.99
CA TRP A 290 30.98 -34.20 12.59
C TRP A 290 30.08 -33.91 13.80
N LYS A 291 29.98 -34.85 14.74
CA LYS A 291 29.21 -34.58 15.95
C LYS A 291 29.78 -33.40 16.71
N ILE A 292 31.10 -33.40 16.90
CA ILE A 292 31.73 -32.30 17.63
C ILE A 292 31.48 -30.99 16.89
N PHE A 293 31.64 -31.00 15.58
CA PHE A 293 31.45 -29.77 14.80
C PHE A 293 30.02 -29.28 14.90
N THR A 294 29.04 -30.19 14.78
CA THR A 294 27.64 -29.79 14.89
C THR A 294 27.32 -29.24 16.26
N ASN A 295 27.78 -29.91 17.31
CA ASN A 295 27.49 -29.45 18.66
C ASN A 295 28.06 -28.06 18.89
N PHE A 296 29.34 -27.85 18.56
CA PHE A 296 29.91 -26.53 18.80
C PHE A 296 29.33 -25.48 17.86
N LYS A 297 29.02 -25.84 16.62
CA LYS A 297 28.42 -24.88 15.72
C LYS A 297 27.06 -24.43 16.22
N MET A 298 26.19 -25.38 16.57
CA MET A 298 24.91 -25.00 17.13
C MET A 298 25.09 -24.19 18.40
N ASN A 299 25.96 -24.65 19.31
CA ASN A 299 26.22 -23.91 20.54
C ASN A 299 26.55 -22.45 20.24
N ILE A 300 27.67 -22.21 19.55
CA ILE A 300 28.11 -20.85 19.27
C ILE A 300 27.03 -20.10 18.51
N LEU A 301 26.77 -20.52 17.27
CA LEU A 301 25.97 -19.72 16.34
C LEU A 301 24.49 -19.65 16.73
N GLY A 302 24.02 -20.46 17.68
CA GLY A 302 22.63 -20.43 18.09
C GLY A 302 22.44 -19.79 19.44
N LEU A 303 23.33 -20.07 20.39
CA LEU A 303 23.20 -19.54 21.74
C LEU A 303 24.11 -18.33 21.97
N LEU A 304 25.41 -18.47 21.71
CA LEU A 304 26.36 -17.49 22.26
C LEU A 304 26.09 -16.10 21.72
N ILE A 305 26.08 -15.94 20.40
CA ILE A 305 25.89 -14.63 19.79
C ILE A 305 24.42 -14.23 19.77
N PRO A 306 23.52 -15.08 19.26
CA PRO A 306 22.08 -14.76 19.36
C PRO A 306 21.61 -14.37 20.74
N PHE A 307 21.86 -15.20 21.77
CA PHE A 307 21.37 -14.82 23.09
C PHE A 307 22.15 -13.66 23.68
N THR A 308 23.41 -13.48 23.29
CA THR A 308 24.12 -12.28 23.73
C THR A 308 23.36 -11.03 23.30
N ILE A 309 23.04 -10.94 22.01
CA ILE A 309 22.30 -9.79 21.52
C ILE A 309 20.91 -9.73 22.16
N PHE A 310 20.27 -10.88 22.31
CA PHE A 310 18.89 -10.93 22.81
C PHE A 310 18.81 -10.39 24.23
N MET A 311 19.67 -10.90 25.13
CA MET A 311 19.71 -10.38 26.49
C MET A 311 20.14 -8.92 26.54
N PHE A 312 21.12 -8.50 25.73
CA PHE A 312 21.50 -7.10 25.80
C PHE A 312 20.33 -6.20 25.42
N CYS A 313 19.64 -6.54 24.34
CA CYS A 313 18.52 -5.73 23.89
C CYS A 313 17.42 -5.68 24.94
N TYR A 314 17.03 -6.84 25.48
CA TYR A 314 15.91 -6.83 26.41
C TYR A 314 16.30 -6.25 27.77
N ILE A 315 17.56 -6.37 28.18
CA ILE A 315 18.00 -5.72 29.40
C ILE A 315 17.93 -4.20 29.25
N LYS A 316 18.36 -3.68 28.10
CA LYS A 316 18.26 -2.24 27.89
C LYS A 316 16.80 -1.80 27.81
N ILE A 317 15.94 -2.61 27.20
CA ILE A 317 14.51 -2.27 27.17
C ILE A 317 13.95 -2.23 28.59
N LEU A 318 14.31 -3.21 29.43
CA LEU A 318 13.82 -3.22 30.80
C LEU A 318 14.33 -2.02 31.57
N HIS A 319 15.59 -1.63 31.36
CA HIS A 319 16.09 -0.42 31.99
C HIS A 319 15.29 0.80 31.55
N GLN A 320 14.98 0.89 30.25
CA GLN A 320 14.18 2.02 29.77
C GLN A 320 12.82 2.06 30.45
N LEU A 321 12.13 0.92 30.50
CA LEU A 321 10.81 0.89 31.13
C LEU A 321 10.89 1.20 32.61
N LYS A 322 11.97 0.77 33.29
CA LYS A 322 12.21 1.21 34.65
C LYS A 322 12.43 2.71 34.74
N ARG A 323 12.89 3.33 33.65
CA ARG A 323 13.06 4.78 33.64
C ARG A 323 11.73 5.50 33.43
N CYS A 324 10.76 4.86 32.78
CA CYS A 324 9.46 5.45 32.49
C CYS A 324 8.44 5.20 33.59
N GLN A 325 8.87 4.77 34.78
CA GLN A 325 7.94 4.36 35.83
C GLN A 325 6.96 5.46 36.22
N ASN A 326 7.27 6.72 35.94
CA ASN A 326 6.28 7.77 36.18
C ASN A 326 5.03 7.54 35.34
N HIS A 327 5.11 6.76 34.26
CA HIS A 327 3.96 6.37 33.47
C HIS A 327 3.51 4.94 33.75
N ASN A 328 4.28 4.17 34.52
CA ASN A 328 3.87 2.84 34.99
C ASN A 328 3.56 1.90 33.81
N LYS A 329 4.60 1.61 33.04
CA LYS A 329 4.50 0.64 31.93
C LYS A 329 4.86 -0.76 32.42
N THR A 330 4.07 -1.26 33.37
CA THR A 330 4.33 -2.56 33.98
C THR A 330 4.07 -3.71 33.01
N LYS A 331 3.04 -3.59 32.17
CA LYS A 331 2.67 -4.69 31.30
C LYS A 331 3.80 -5.03 30.34
N ALA A 332 4.46 -4.01 29.79
CA ALA A 332 5.60 -4.27 28.91
C ALA A 332 6.70 -5.01 29.66
N ILE A 333 6.93 -4.64 30.92
CA ILE A 333 7.94 -5.34 31.72
C ILE A 333 7.57 -6.82 31.85
N ARG A 334 6.29 -7.09 32.13
CA ARG A 334 5.88 -8.48 32.28
C ARG A 334 6.06 -9.25 30.99
N LEU A 335 5.69 -8.67 29.84
CA LEU A 335 5.81 -9.41 28.59
C LEU A 335 7.28 -9.64 28.20
N VAL A 336 8.14 -8.63 28.38
CA VAL A 336 9.54 -8.84 28.03
C VAL A 336 10.15 -9.90 28.95
N LEU A 337 9.79 -9.88 30.23
CA LEU A 337 10.26 -10.93 31.12
C LEU A 337 9.78 -12.30 30.67
N ILE A 338 8.51 -12.40 30.27
CA ILE A 338 7.96 -13.69 29.85
C ILE A 338 8.72 -14.19 28.62
N VAL A 339 8.94 -13.32 27.65
CA VAL A 339 9.64 -13.73 26.42
C VAL A 339 11.05 -14.18 26.75
N VAL A 340 11.76 -13.40 27.56
CA VAL A 340 13.14 -13.74 27.90
C VAL A 340 13.21 -15.08 28.62
N ILE A 341 12.35 -15.25 29.64
CA ILE A 341 12.39 -16.47 30.44
C ILE A 341 12.02 -17.66 29.58
N ALA A 342 11.01 -17.54 28.72
CA ALA A 342 10.62 -18.66 27.88
C ALA A 342 11.73 -19.04 26.92
N SER A 343 12.35 -18.04 26.27
CA SER A 343 13.42 -18.33 25.34
C SER A 343 14.56 -19.07 26.02
N LEU A 344 15.00 -18.56 27.17
CA LEU A 344 16.04 -19.28 27.90
C LEU A 344 15.57 -20.66 28.33
N LEU A 345 14.33 -20.79 28.78
CA LEU A 345 13.86 -22.06 29.31
C LEU A 345 13.93 -23.15 28.26
N PHE A 346 13.47 -22.87 27.03
CA PHE A 346 13.49 -23.94 26.03
C PHE A 346 14.69 -23.90 25.10
N TRP A 347 15.67 -23.00 25.30
CA TRP A 347 16.92 -23.07 24.53
C TRP A 347 18.16 -23.38 25.37
N VAL A 348 18.36 -22.72 26.51
CA VAL A 348 19.59 -22.93 27.28
C VAL A 348 19.80 -24.38 27.69
N PRO A 349 18.82 -25.08 28.29
CA PRO A 349 19.11 -26.46 28.73
C PRO A 349 19.51 -27.38 27.60
N PHE A 350 18.85 -27.26 26.44
CA PHE A 350 19.19 -28.10 25.30
C PHE A 350 20.61 -27.84 24.83
N ASN A 351 20.99 -26.56 24.76
CA ASN A 351 22.33 -26.23 24.29
C ASN A 351 23.39 -26.69 25.27
N VAL A 352 23.13 -26.57 26.57
CA VAL A 352 24.16 -26.98 27.53
C VAL A 352 24.30 -28.50 27.53
N VAL A 353 23.20 -29.23 27.37
CA VAL A 353 23.35 -30.68 27.30
C VAL A 353 24.05 -31.09 26.00
N LEU A 354 23.83 -30.37 24.91
CA LEU A 354 24.65 -30.62 23.72
C LEU A 354 26.12 -30.36 24.00
N PHE A 355 26.43 -29.29 24.71
CA PHE A 355 27.83 -29.00 25.02
C PHE A 355 28.43 -30.10 25.89
N LEU A 356 27.63 -30.63 26.82
CA LEU A 356 28.10 -31.73 27.65
C LEU A 356 28.32 -33.00 26.82
N THR A 357 27.42 -33.28 25.88
CA THR A 357 27.64 -34.41 24.99
C THR A 357 28.90 -34.23 24.18
N SER A 358 29.17 -33.00 23.74
CA SER A 358 30.40 -32.72 23.03
C SER A 358 31.61 -32.97 23.91
N LEU A 359 31.55 -32.56 25.19
CA LEU A 359 32.64 -32.86 26.11
C LEU A 359 32.84 -34.36 26.26
N HIS A 360 31.74 -35.12 26.35
CA HIS A 360 31.84 -36.57 26.42
C HIS A 360 32.52 -37.13 25.18
N SER A 361 32.14 -36.61 24.00
CA SER A 361 32.71 -37.12 22.76
C SER A 361 34.19 -36.79 22.66
N MET A 362 34.62 -35.67 23.22
CA MET A 362 36.04 -35.32 23.27
C MET A 362 36.78 -36.02 24.41
N HIS A 363 36.17 -37.03 25.04
CA HIS A 363 36.75 -37.80 26.13
C HIS A 363 36.97 -36.99 27.38
N ILE A 364 36.39 -35.79 27.47
CA ILE A 364 36.45 -35.05 28.74
C ILE A 364 35.62 -35.77 29.79
N LEU A 365 34.49 -36.36 29.37
CA LEU A 365 33.63 -37.17 30.23
C LEU A 365 33.54 -38.58 29.66
N ASP A 366 33.64 -39.59 30.54
CA ASP A 366 33.74 -40.98 30.12
C ASP A 366 32.90 -41.86 31.02
N GLY A 367 32.29 -42.89 30.44
CA GLY A 367 31.57 -43.91 31.18
C GLY A 367 30.19 -44.14 30.60
N CYS A 368 29.62 -45.30 30.92
CA CYS A 368 28.24 -45.56 30.53
C CYS A 368 27.26 -44.61 31.20
N SER A 369 27.36 -44.43 32.51
CA SER A 369 26.33 -43.69 33.22
C SER A 369 26.18 -42.29 32.63
N ILE A 370 27.30 -41.61 32.40
CA ILE A 370 27.26 -40.27 31.83
C ILE A 370 26.67 -40.33 30.43
N SER A 371 27.04 -41.33 29.63
CA SER A 371 26.57 -41.39 28.26
C SER A 371 25.07 -41.61 28.19
N GLN A 372 24.57 -42.59 28.95
CA GLN A 372 23.14 -42.88 28.94
C GLN A 372 22.33 -41.71 29.50
N GLN A 373 22.81 -41.10 30.59
CA GLN A 373 22.14 -39.92 31.11
C GLN A 373 22.14 -38.80 30.08
N LEU A 374 23.22 -38.67 29.30
CA LEU A 374 23.26 -37.61 28.30
C LEU A 374 22.30 -37.89 27.16
N THR A 375 22.15 -39.15 26.75
CA THR A 375 21.15 -39.45 25.72
C THR A 375 19.74 -39.17 26.22
N TYR A 376 19.44 -39.58 27.46
CA TYR A 376 18.15 -39.27 28.05
C TYR A 376 17.91 -37.76 28.14
N ALA A 377 18.92 -37.03 28.61
CA ALA A 377 18.81 -35.58 28.74
C ALA A 377 18.63 -34.93 27.37
N THR A 378 19.32 -35.45 26.36
CA THR A 378 19.12 -34.93 25.01
C THR A 378 17.71 -35.20 24.53
N HIS A 379 17.15 -36.36 24.86
CA HIS A 379 15.80 -36.67 24.40
C HIS A 379 14.74 -35.82 25.08
N VAL A 380 14.97 -35.41 26.32
CA VAL A 380 13.96 -34.58 27.01
C VAL A 380 14.16 -33.10 26.71
N THR A 381 15.41 -32.62 26.69
CA THR A 381 15.65 -31.23 26.31
C THR A 381 15.31 -30.96 24.87
N GLU A 382 15.44 -31.96 23.99
CA GLU A 382 14.98 -31.81 22.62
C GLU A 382 13.47 -31.62 22.57
N ILE A 383 12.73 -32.36 23.39
CA ILE A 383 11.29 -32.13 23.51
C ILE A 383 11.03 -30.70 23.92
N ILE A 384 11.72 -30.25 24.97
CA ILE A 384 11.44 -28.93 25.52
C ILE A 384 11.78 -27.84 24.50
N SER A 385 12.85 -28.03 23.72
CA SER A 385 13.17 -27.07 22.66
C SER A 385 12.13 -27.12 21.55
N PHE A 386 11.65 -28.31 21.20
CA PHE A 386 10.56 -28.43 20.24
C PHE A 386 9.34 -27.65 20.70
N THR A 387 9.18 -27.49 22.02
CA THR A 387 8.09 -26.66 22.51
C THR A 387 8.20 -25.21 22.04
N HIS A 388 9.38 -24.78 21.60
CA HIS A 388 9.53 -23.41 21.12
C HIS A 388 8.62 -23.15 19.93
N CYS A 389 8.41 -24.15 19.08
CA CYS A 389 7.61 -23.93 17.88
C CYS A 389 6.17 -23.57 18.24
N CYS A 390 5.65 -24.13 19.32
CA CYS A 390 4.30 -23.86 19.75
C CYS A 390 4.20 -22.72 20.76
N VAL A 391 5.32 -22.37 21.41
CA VAL A 391 5.32 -21.28 22.39
C VAL A 391 5.67 -19.94 21.75
N ASN A 392 6.47 -19.92 20.68
CA ASN A 392 6.82 -18.65 20.05
C ASN A 392 5.58 -17.90 19.57
N PRO A 393 4.63 -18.51 18.87
CA PRO A 393 3.34 -17.84 18.66
C PRO A 393 2.71 -17.36 19.96
N VAL A 394 2.79 -18.17 21.03
CA VAL A 394 2.20 -17.76 22.31
C VAL A 394 2.82 -16.45 22.79
N ILE A 395 4.14 -16.46 23.02
CA ILE A 395 4.77 -15.31 23.64
C ILE A 395 4.88 -14.11 22.71
N TYR A 396 4.83 -14.30 21.38
CA TYR A 396 5.01 -13.19 20.45
C TYR A 396 3.73 -12.66 19.82
N ALA A 397 2.67 -13.46 19.72
CA ALA A 397 1.50 -13.05 18.94
C ALA A 397 0.23 -12.89 19.77
N PHE A 398 -0.22 -13.92 20.48
CA PHE A 398 -1.51 -13.82 21.16
C PHE A 398 -1.46 -12.95 22.40
N VAL A 399 -0.28 -12.76 23.00
CA VAL A 399 -0.21 -11.87 24.15
C VAL A 399 -0.25 -10.40 23.77
N GLY A 400 -0.12 -10.06 22.50
CA GLY A 400 -0.14 -8.67 22.06
C GLY A 400 -1.53 -8.21 21.71
N GLU A 401 -1.92 -7.06 22.27
CA GLU A 401 -3.26 -6.52 22.02
C GLU A 401 -3.44 -6.10 20.57
N LYS A 402 -2.36 -5.86 19.82
CA LYS A 402 -2.49 -5.61 18.40
C LYS A 402 -3.10 -6.79 17.64
N PHE A 403 -3.04 -7.99 18.23
CA PHE A 403 -3.24 -9.24 17.51
C PHE A 403 -4.53 -9.93 17.92
N LYS A 404 -4.88 -9.84 19.21
CA LYS A 404 -6.11 -10.43 19.71
C LYS A 404 -7.34 -9.77 19.10
N LYS A 405 -7.26 -8.48 18.75
CA LYS A 405 -8.41 -7.83 18.15
C LYS A 405 -8.79 -8.49 16.83
N HIS A 406 -7.81 -8.74 15.97
CA HIS A 406 -8.11 -9.39 14.70
C HIS A 406 -8.39 -10.87 14.89
N LEU A 407 -7.84 -11.50 15.93
CA LEU A 407 -8.25 -12.87 16.22
C LEU A 407 -9.72 -12.95 16.58
N SER A 408 -10.20 -12.02 17.39
CA SER A 408 -11.62 -11.99 17.75
C SER A 408 -12.48 -11.58 16.56
N GLU A 409 -11.94 -10.73 15.69
CA GLU A 409 -12.66 -10.31 14.50
C GLU A 409 -12.99 -11.50 13.60
N ILE A 410 -12.03 -12.41 13.43
CA ILE A 410 -12.25 -13.59 12.59
C ILE A 410 -13.28 -14.49 13.25
N THR B 26 2.21 -12.21 -24.47
CA THR B 26 0.82 -11.71 -24.66
C THR B 26 0.70 -10.21 -24.38
N LEU B 27 1.83 -9.55 -24.16
CA LEU B 27 1.87 -8.11 -23.96
C LEU B 27 2.66 -7.46 -25.09
N SER B 28 2.11 -6.38 -25.66
CA SER B 28 2.83 -5.64 -26.67
C SER B 28 4.01 -4.91 -26.05
N ALA B 29 4.90 -4.41 -26.91
CA ALA B 29 6.06 -3.66 -26.44
C ALA B 29 5.62 -2.46 -25.63
N GLU B 30 4.64 -1.71 -26.13
CA GLU B 30 4.15 -0.55 -25.40
C GLU B 30 3.50 -0.94 -24.08
N ASP B 31 2.82 -2.09 -24.03
CA ASP B 31 2.25 -2.54 -22.77
C ASP B 31 3.34 -2.87 -21.75
N LYS B 32 4.41 -3.52 -22.18
CA LYS B 32 5.52 -3.78 -21.27
C LYS B 32 6.14 -2.48 -20.78
N ALA B 33 6.29 -1.51 -21.68
CA ALA B 33 6.83 -0.21 -21.26
C ALA B 33 5.90 0.48 -20.27
N ALA B 34 4.59 0.38 -20.49
CA ALA B 34 3.63 0.95 -19.55
C ALA B 34 3.72 0.27 -18.19
N VAL B 35 3.89 -1.04 -18.18
CA VAL B 35 4.05 -1.77 -16.92
C VAL B 35 5.32 -1.32 -16.21
N GLU B 36 6.40 -1.10 -16.97
CA GLU B 36 7.62 -0.60 -16.39
C GLU B 36 7.42 0.78 -15.77
N ARG B 37 6.70 1.65 -16.47
CA ARG B 37 6.40 2.96 -15.93
C ARG B 37 5.56 2.85 -14.66
N SER B 38 4.60 1.93 -14.65
CA SER B 38 3.78 1.73 -13.46
C SER B 38 4.63 1.26 -12.29
N LYS B 39 5.58 0.37 -12.54
CA LYS B 39 6.48 -0.07 -11.48
C LYS B 39 7.36 1.08 -10.98
N MET B 40 7.81 1.94 -11.89
CA MET B 40 8.56 3.11 -11.46
C MET B 40 7.71 4.00 -10.57
N ILE B 41 6.46 4.23 -10.94
CA ILE B 41 5.56 5.00 -10.09
C ILE B 41 5.36 4.30 -8.76
N ASP B 42 5.29 2.98 -8.77
CA ASP B 42 5.11 2.23 -7.53
C ASP B 42 6.29 2.45 -6.59
N ARG B 43 7.51 2.36 -7.11
CA ARG B 43 8.67 2.55 -6.25
C ARG B 43 8.77 3.99 -5.78
N ASN B 44 8.40 4.95 -6.64
CA ASN B 44 8.39 6.34 -6.20
C ASN B 44 7.38 6.56 -5.09
N LEU B 45 6.19 5.95 -5.21
CA LEU B 45 5.18 6.06 -4.15
C LEU B 45 5.67 5.41 -2.87
N ARG B 46 6.35 4.28 -2.98
CA ARG B 46 6.88 3.62 -1.78
C ARG B 46 7.90 4.50 -1.08
N GLU B 47 8.81 5.11 -1.85
CA GLU B 47 9.78 6.03 -1.25
C GLU B 47 9.09 7.22 -0.62
N ASP B 48 8.08 7.79 -1.29
CA ASP B 48 7.36 8.92 -0.73
C ASP B 48 6.65 8.54 0.56
N GLY B 49 6.07 7.34 0.61
CA GLY B 49 5.44 6.89 1.83
C GLY B 49 6.42 6.67 2.96
N GLU B 50 7.59 6.12 2.65
CA GLU B 50 8.61 5.97 3.68
C GLU B 50 9.03 7.33 4.22
N LYS B 51 9.20 8.32 3.34
CA LYS B 51 9.56 9.65 3.79
C LYS B 51 8.44 10.26 4.62
N ALA B 52 7.19 10.03 4.22
CA ALA B 52 6.05 10.57 4.95
C ALA B 52 5.97 9.98 6.35
N ALA B 53 6.23 8.68 6.49
CA ALA B 53 6.26 8.07 7.81
C ALA B 53 7.33 8.70 8.70
N ARG B 54 8.34 9.33 8.12
CA ARG B 54 9.33 10.07 8.90
C ARG B 54 8.67 11.19 9.68
N GLU B 55 7.63 11.80 9.12
CA GLU B 55 7.03 13.00 9.71
C GLU B 55 6.29 12.65 10.99
N VAL B 56 6.17 13.65 11.87
CA VAL B 56 5.29 13.60 13.02
C VAL B 56 4.17 14.59 12.78
N LYS B 57 2.95 14.10 12.65
CA LYS B 57 1.81 14.97 12.38
C LYS B 57 1.24 15.49 13.69
N LEU B 58 1.13 16.82 13.77
CA LEU B 58 0.54 17.50 14.92
C LEU B 58 -0.62 18.36 14.44
N LEU B 59 -1.76 18.24 15.13
CA LEU B 59 -2.92 19.08 14.86
C LEU B 59 -2.97 20.18 15.91
N LEU B 60 -2.96 21.43 15.46
CA LEU B 60 -3.00 22.58 16.37
C LEU B 60 -4.43 23.07 16.50
N LEU B 61 -4.90 23.18 17.74
CA LEU B 61 -6.25 23.66 18.03
C LEU B 61 -6.17 24.60 19.22
N GLY B 62 -7.24 25.38 19.40
CA GLY B 62 -7.31 26.27 20.54
C GLY B 62 -8.10 27.53 20.30
N ALA B 63 -8.81 27.99 21.32
CA ALA B 63 -9.53 29.26 21.24
C ALA B 63 -8.53 30.41 21.30
N GLY B 64 -9.06 31.63 21.12
CA GLY B 64 -8.22 32.81 21.13
C GLY B 64 -7.60 33.07 19.77
N GLU B 65 -7.63 34.33 19.33
CA GLU B 65 -7.11 34.67 18.01
C GLU B 65 -5.59 34.72 17.95
N SER B 66 -4.91 34.79 19.10
CA SER B 66 -3.46 34.90 19.15
C SER B 66 -2.80 33.90 20.08
N GLY B 67 -3.56 33.12 20.85
CA GLY B 67 -2.93 32.17 21.76
C GLY B 67 -2.08 31.16 21.03
N LYS B 68 -2.61 30.59 19.95
CA LYS B 68 -1.82 29.68 19.13
C LYS B 68 -0.84 30.41 18.22
N SER B 69 -1.07 31.71 17.97
CA SER B 69 -0.13 32.47 17.16
C SER B 69 1.23 32.56 17.81
N THR B 70 1.27 32.77 19.13
CA THR B 70 2.55 32.82 19.84
C THR B 70 3.27 31.48 19.75
N ILE B 71 2.52 30.38 19.84
CA ILE B 71 3.13 29.06 19.75
C ILE B 71 3.67 28.82 18.35
N VAL B 72 2.92 29.20 17.32
CA VAL B 72 3.41 29.07 15.95
C VAL B 72 4.67 29.90 15.77
N LYS B 73 4.71 31.09 16.36
CA LYS B 73 5.91 31.92 16.31
C LYS B 73 7.08 31.22 17.00
N GLN B 74 6.80 30.55 18.12
CA GLN B 74 7.85 29.82 18.83
C GLN B 74 8.48 28.77 17.94
N MET B 75 7.67 28.03 17.18
CA MET B 75 8.17 27.16 16.13
C MET B 75 8.23 27.91 14.80
N THR B 204 -6.08 31.49 4.31
CA THR B 204 -7.14 30.71 4.95
C THR B 204 -6.85 29.22 4.85
N GLY B 205 -7.68 28.42 5.52
CA GLY B 205 -7.50 26.99 5.50
C GLY B 205 -6.33 26.53 6.34
N ILE B 206 -5.75 25.40 5.95
CA ILE B 206 -4.64 24.81 6.68
C ILE B 206 -3.39 25.63 6.40
N VAL B 207 -2.67 26.00 7.45
CA VAL B 207 -1.30 26.49 7.35
C VAL B 207 -0.42 25.47 8.05
N GLU B 208 0.58 24.98 7.33
CA GLU B 208 1.51 23.98 7.84
C GLU B 208 2.83 24.65 8.16
N THR B 209 3.35 24.37 9.36
CA THR B 209 4.64 24.91 9.80
C THR B 209 5.58 23.73 10.02
N HIS B 210 6.33 23.39 8.98
CA HIS B 210 7.33 22.34 9.09
C HIS B 210 8.49 22.82 9.94
N PHE B 211 9.08 21.89 10.70
CA PHE B 211 10.28 22.20 11.45
C PHE B 211 10.91 20.90 11.94
N THR B 212 12.24 20.84 11.88
CA THR B 212 13.01 19.71 12.38
C THR B 212 13.66 20.12 13.69
N PHE B 213 13.40 19.36 14.75
CA PHE B 213 14.00 19.59 16.06
C PHE B 213 14.65 18.30 16.53
N LYS B 214 15.94 18.39 16.85
CA LYS B 214 16.70 17.25 17.35
C LYS B 214 16.56 16.04 16.43
N ASP B 215 16.67 16.30 15.12
CA ASP B 215 16.65 15.33 14.04
C ASP B 215 15.25 14.79 13.78
N LEU B 216 14.23 15.22 14.53
CA LEU B 216 12.87 14.72 14.36
C LEU B 216 12.07 15.77 13.60
N HIS B 217 11.47 15.36 12.48
CA HIS B 217 10.80 16.28 11.56
C HIS B 217 9.31 16.31 11.87
N PHE B 218 8.84 17.41 12.47
CA PHE B 218 7.43 17.58 12.76
C PHE B 218 6.72 18.22 11.57
N LYS B 219 5.40 18.20 11.63
CA LYS B 219 4.54 18.79 10.61
C LYS B 219 3.28 19.23 11.35
N MET B 220 3.24 20.51 11.71
CA MET B 220 2.14 21.04 12.50
C MET B 220 1.15 21.76 11.59
N PHE B 221 -0.12 21.35 11.66
CA PHE B 221 -1.18 21.89 10.83
C PHE B 221 -2.12 22.70 11.70
N ASP B 222 -2.40 23.94 11.31
CA ASP B 222 -3.30 24.80 12.06
C ASP B 222 -4.62 24.92 11.33
N VAL B 223 -5.71 24.68 12.07
CA VAL B 223 -7.06 24.69 11.51
C VAL B 223 -7.86 25.89 12.02
N GLY B 224 -7.19 26.91 12.55
CA GLY B 224 -7.90 28.06 13.08
C GLY B 224 -8.68 28.81 12.02
N GLY B 225 -8.22 28.77 10.77
CA GLY B 225 -8.86 29.48 9.69
C GLY B 225 -10.06 28.80 9.08
N GLN B 226 -10.42 27.61 9.57
CA GLN B 226 -11.56 26.86 9.03
C GLN B 226 -12.79 27.17 9.87
N ARG B 227 -13.60 28.13 9.41
CA ARG B 227 -14.87 28.45 10.05
C ARG B 227 -15.98 27.56 9.49
N SER B 228 -15.83 26.26 9.71
CA SER B 228 -16.77 25.27 9.21
C SER B 228 -16.96 24.19 10.27
N GLU B 229 -18.00 23.39 10.08
CA GLU B 229 -18.31 22.34 11.05
C GLU B 229 -17.14 21.38 11.17
N ARG B 230 -16.61 21.24 12.38
CA ARG B 230 -15.40 20.44 12.59
C ARG B 230 -15.64 18.97 12.25
N LYS B 231 -16.80 18.44 12.64
CA LYS B 231 -17.02 16.99 12.53
C LYS B 231 -16.98 16.48 11.10
N LYS B 232 -17.07 17.36 10.10
CA LYS B 232 -16.99 16.93 8.71
C LYS B 232 -15.56 16.69 8.25
N TRP B 233 -14.58 17.36 8.85
CA TRP B 233 -13.19 17.25 8.43
C TRP B 233 -12.22 16.88 9.54
N ILE B 234 -12.68 16.74 10.78
CA ILE B 234 -11.77 16.37 11.86
C ILE B 234 -11.21 14.98 11.62
N HIS B 235 -12.00 14.08 11.05
CA HIS B 235 -11.55 12.71 10.81
C HIS B 235 -10.39 12.65 9.82
N CYS B 236 -10.12 13.72 9.08
CA CYS B 236 -8.92 13.75 8.24
C CYS B 236 -7.66 13.57 9.07
N PHE B 237 -7.67 14.00 10.32
CA PHE B 237 -6.53 13.87 11.23
C PHE B 237 -6.67 12.68 12.18
N GLU B 238 -7.28 11.59 11.73
CA GLU B 238 -7.33 10.38 12.56
C GLU B 238 -5.92 9.89 12.90
N GLY B 239 -5.04 9.84 11.91
CA GLY B 239 -3.70 9.34 12.10
C GLY B 239 -2.70 10.36 12.59
N VAL B 240 -3.17 11.54 13.00
CA VAL B 240 -2.25 12.56 13.49
C VAL B 240 -1.51 12.02 14.70
N THR B 241 -0.20 12.29 14.74
CA THR B 241 0.60 11.77 15.85
C THR B 241 0.15 12.36 17.18
N ALA B 242 -0.16 13.66 17.21
CA ALA B 242 -0.64 14.25 18.45
C ALA B 242 -1.43 15.53 18.15
N ILE B 243 -2.06 16.05 19.18
CA ILE B 243 -2.84 17.28 19.10
C ILE B 243 -2.28 18.26 20.14
N ILE B 244 -1.83 19.41 19.68
CA ILE B 244 -1.48 20.53 20.55
C ILE B 244 -2.76 21.35 20.74
N PHE B 245 -3.13 21.56 22.00
CA PHE B 245 -4.33 22.29 22.36
C PHE B 245 -3.92 23.50 23.18
N CYS B 246 -4.04 24.68 22.60
CA CYS B 246 -3.62 25.93 23.20
C CYS B 246 -4.82 26.62 23.85
N VAL B 247 -4.68 27.00 25.12
CA VAL B 247 -5.69 27.76 25.83
C VAL B 247 -4.98 28.85 26.64
N ALA B 248 -5.52 30.06 26.59
CA ALA B 248 -4.97 31.18 27.33
C ALA B 248 -5.53 31.17 28.75
N LEU B 249 -4.63 31.16 29.74
CA LEU B 249 -5.08 31.18 31.12
C LEU B 249 -5.79 32.48 31.46
N SER B 250 -5.50 33.56 30.74
CA SER B 250 -6.11 34.86 31.01
C SER B 250 -7.55 34.96 30.54
N ASP B 251 -8.08 33.95 29.84
CA ASP B 251 -9.43 33.98 29.32
C ASP B 251 -10.48 33.62 30.37
N TYR B 252 -10.15 33.66 31.66
CA TYR B 252 -11.11 33.31 32.70
C TYR B 252 -12.04 34.47 33.07
N ASP B 253 -12.07 35.54 32.28
CA ASP B 253 -12.97 36.65 32.52
C ASP B 253 -14.41 36.20 32.68
N ASN B 263 -17.75 32.76 30.03
CA ASN B 263 -16.38 33.21 29.79
C ASN B 263 -15.71 32.35 28.71
N ARG B 264 -14.68 32.92 28.07
CA ARG B 264 -14.02 32.22 26.97
C ARG B 264 -13.37 30.93 27.44
N MET B 265 -12.87 30.89 28.67
CA MET B 265 -12.20 29.69 29.15
C MET B 265 -13.17 28.52 29.20
N HIS B 266 -14.44 28.77 29.52
CA HIS B 266 -15.41 27.69 29.55
C HIS B 266 -15.66 27.13 28.14
N GLU B 267 -15.72 28.00 27.13
CA GLU B 267 -15.84 27.50 25.77
C GLU B 267 -14.58 26.75 25.34
N SER B 268 -13.41 27.17 25.84
CA SER B 268 -12.20 26.39 25.60
C SER B 268 -12.30 25.00 26.23
N MET B 269 -12.87 24.93 27.44
CA MET B 269 -13.10 23.63 28.07
C MET B 269 -14.06 22.79 27.23
N LYS B 270 -15.11 23.40 26.69
CA LYS B 270 -16.03 22.66 25.83
C LYS B 270 -15.32 22.13 24.60
N LEU B 271 -14.46 22.96 23.98
CA LEU B 271 -13.72 22.50 22.81
C LEU B 271 -12.79 21.35 23.16
N PHE B 272 -12.10 21.46 24.30
CA PHE B 272 -11.21 20.38 24.73
C PHE B 272 -11.99 19.10 25.00
N ASP B 273 -13.18 19.24 25.60
CA ASP B 273 -14.01 18.07 25.85
C ASP B 273 -14.44 17.42 24.54
N SER B 274 -14.84 18.23 23.57
CA SER B 274 -15.28 17.68 22.29
C SER B 274 -14.13 17.09 21.49
N ILE B 275 -12.90 17.52 21.73
CA ILE B 275 -11.76 17.01 20.98
C ILE B 275 -11.17 15.77 21.65
N CYS B 276 -10.92 15.84 22.95
CA CYS B 276 -10.31 14.72 23.66
C CYS B 276 -11.20 13.48 23.62
N ASN B 277 -12.50 13.66 23.83
CA ASN B 277 -13.44 12.54 23.84
C ASN B 277 -13.99 12.22 22.46
N ASN B 278 -13.47 12.85 21.41
CA ASN B 278 -13.90 12.53 20.06
C ASN B 278 -13.58 11.07 19.74
N LYS B 279 -14.47 10.44 18.96
CA LYS B 279 -14.29 9.03 18.65
C LYS B 279 -13.00 8.80 17.86
N TRP B 280 -12.67 9.70 16.95
CA TRP B 280 -11.45 9.53 16.15
C TRP B 280 -10.21 9.61 17.01
N PHE B 281 -10.17 10.57 17.95
CA PHE B 281 -9.02 10.72 18.84
C PHE B 281 -9.20 9.87 20.10
N THR B 282 -9.37 8.56 19.87
CA THR B 282 -9.48 7.63 20.99
C THR B 282 -8.14 7.39 21.66
N ASP B 283 -7.05 7.40 20.90
CA ASP B 283 -5.72 7.10 21.45
C ASP B 283 -4.65 8.07 20.95
N THR B 284 -5.02 9.27 20.54
CA THR B 284 -4.07 10.30 20.13
C THR B 284 -3.86 11.25 21.31
N SER B 285 -2.66 11.23 21.88
CA SER B 285 -2.39 12.02 23.07
C SER B 285 -2.50 13.50 22.77
N ILE B 286 -2.96 14.26 23.77
CA ILE B 286 -3.14 15.70 23.66
C ILE B 286 -2.00 16.38 24.40
N ILE B 287 -1.37 17.36 23.74
CA ILE B 287 -0.33 18.18 24.35
C ILE B 287 -0.98 19.50 24.72
N LEU B 288 -1.37 19.64 25.97
CA LEU B 288 -2.07 20.84 26.44
C LEU B 288 -1.08 21.94 26.77
N PHE B 289 -1.32 23.12 26.22
CA PHE B 289 -0.54 24.31 26.52
C PHE B 289 -1.43 25.34 27.20
N LEU B 290 -0.93 25.92 28.28
CA LEU B 290 -1.62 26.97 29.03
C LEU B 290 -0.84 28.27 28.85
N ASN B 291 -1.20 29.04 27.82
CA ASN B 291 -0.53 30.28 27.53
C ASN B 291 -0.77 31.32 28.62
N LYS B 292 0.01 32.39 28.56
CA LYS B 292 -0.30 33.62 29.30
C LYS B 292 -0.35 33.39 30.80
N LYS B 293 0.67 32.72 31.35
CA LYS B 293 0.71 32.57 32.79
C LYS B 293 1.13 33.86 33.47
N ASP B 294 1.89 34.73 32.78
CA ASP B 294 2.21 36.03 33.36
C ASP B 294 0.98 36.93 33.40
N LEU B 295 0.25 37.00 32.28
CA LEU B 295 -0.99 37.76 32.28
C LEU B 295 -2.01 37.14 33.23
N PHE B 296 -1.98 35.81 33.37
CA PHE B 296 -2.85 35.16 34.34
C PHE B 296 -2.44 35.56 35.76
N GLU B 297 -1.15 35.70 36.01
CA GLU B 297 -0.68 36.20 37.31
C GLU B 297 -1.21 37.61 37.56
N GLU B 298 -1.11 38.47 36.55
CA GLU B 298 -1.63 39.83 36.70
C GLU B 298 -3.13 39.82 37.00
N LYS B 299 -3.90 39.06 36.23
CA LYS B 299 -5.34 39.02 36.45
C LYS B 299 -5.68 38.43 37.81
N ILE B 300 -4.99 37.35 38.21
CA ILE B 300 -5.34 36.68 39.45
C ILE B 300 -4.94 37.50 40.67
N LYS B 301 -3.90 38.34 40.57
CA LYS B 301 -3.70 39.30 41.65
C LYS B 301 -4.58 40.53 41.51
N LYS B 302 -5.25 40.70 40.36
CA LYS B 302 -6.23 41.76 40.19
C LYS B 302 -7.63 41.30 40.62
N SER B 303 -8.15 40.26 39.98
CA SER B 303 -9.48 39.74 40.26
C SER B 303 -9.42 38.23 40.50
N PRO B 304 -10.32 37.68 41.31
CA PRO B 304 -10.23 36.26 41.67
C PRO B 304 -10.72 35.36 40.55
N LEU B 305 -10.24 34.11 40.61
CA LEU B 305 -10.66 33.10 39.65
C LEU B 305 -12.07 32.59 39.91
N THR B 306 -12.65 32.90 41.08
CA THR B 306 -13.99 32.41 41.40
C THR B 306 -15.02 32.89 40.38
N ILE B 307 -14.76 34.03 39.72
CA ILE B 307 -15.68 34.53 38.71
C ILE B 307 -15.81 33.52 37.57
N CYS B 308 -14.75 32.76 37.29
CA CYS B 308 -14.79 31.72 36.28
C CYS B 308 -15.34 30.41 36.84
N TYR B 309 -14.74 29.92 37.93
CA TYR B 309 -15.11 28.67 38.56
C TYR B 309 -15.75 28.96 39.91
N PRO B 310 -17.08 29.07 40.00
CA PRO B 310 -17.70 29.35 41.31
C PRO B 310 -17.43 28.27 42.33
N GLU B 311 -17.31 27.00 41.89
CA GLU B 311 -17.03 25.91 42.81
C GLU B 311 -15.58 25.87 43.27
N TYR B 312 -14.71 26.73 42.72
CA TYR B 312 -13.32 26.76 43.12
C TYR B 312 -13.21 27.01 44.63
N ALA B 313 -12.42 26.17 45.30
CA ALA B 313 -12.26 26.21 46.75
C ALA B 313 -10.79 26.29 47.12
N GLY B 314 -10.05 27.17 46.44
CA GLY B 314 -8.64 27.37 46.73
C GLY B 314 -8.32 28.84 46.90
N SER B 315 -7.11 29.09 47.39
CA SER B 315 -6.68 30.45 47.66
C SER B 315 -6.49 31.22 46.35
N ASN B 316 -6.10 32.48 46.49
CA ASN B 316 -5.90 33.38 45.36
C ASN B 316 -4.51 33.23 44.72
N THR B 317 -3.66 32.37 45.27
CA THR B 317 -2.29 32.25 44.78
C THR B 317 -2.25 31.72 43.36
N TYR B 318 -1.22 32.13 42.62
CA TYR B 318 -1.09 31.71 41.22
C TYR B 318 -0.94 30.20 41.09
N GLU B 319 -0.11 29.59 41.92
CA GLU B 319 0.16 28.16 41.77
C GLU B 319 -1.10 27.33 41.99
N GLU B 320 -1.87 27.66 43.02
CA GLU B 320 -3.10 26.90 43.28
C GLU B 320 -4.08 27.05 42.14
N ALA B 321 -4.24 28.27 41.61
CA ALA B 321 -5.14 28.48 40.49
C ALA B 321 -4.69 27.71 39.27
N ALA B 322 -3.38 27.73 38.99
CA ALA B 322 -2.87 27.00 37.83
C ALA B 322 -3.09 25.51 37.97
N ALA B 323 -2.82 24.96 39.15
CA ALA B 323 -3.05 23.53 39.38
C ALA B 323 -4.54 23.19 39.24
N TYR B 324 -5.41 24.05 39.75
CA TYR B 324 -6.84 23.80 39.62
C TYR B 324 -7.26 23.81 38.17
N ILE B 325 -6.77 24.76 37.38
CA ILE B 325 -7.12 24.83 35.97
C ILE B 325 -6.62 23.59 35.25
N GLN B 326 -5.40 23.17 35.57
CA GLN B 326 -4.86 21.94 34.98
C GLN B 326 -5.73 20.74 35.30
N CYS B 327 -6.16 20.62 36.56
CA CYS B 327 -7.01 19.50 36.95
C CYS B 327 -8.35 19.55 36.21
N GLN B 328 -8.94 20.73 36.11
CA GLN B 328 -10.22 20.86 35.42
C GLN B 328 -10.09 20.47 33.96
N PHE B 329 -9.00 20.85 33.31
CA PHE B 329 -8.84 20.49 31.90
C PHE B 329 -8.53 19.00 31.74
N GLU B 330 -7.68 18.45 32.60
CA GLU B 330 -7.29 17.05 32.46
C GLU B 330 -8.45 16.11 32.75
N ASP B 331 -9.27 16.41 33.76
CA ASP B 331 -10.33 15.50 34.14
C ASP B 331 -11.43 15.37 33.08
N LEU B 332 -11.44 16.23 32.07
CA LEU B 332 -12.35 16.04 30.94
C LEU B 332 -12.03 14.78 30.17
N ASN B 333 -10.82 14.24 30.31
CA ASN B 333 -10.43 13.01 29.62
C ASN B 333 -11.16 11.82 30.25
N LYS B 334 -12.18 11.31 29.56
CA LYS B 334 -12.95 10.18 30.09
C LYS B 334 -12.24 8.85 29.90
N ARG B 335 -11.31 8.75 28.96
CA ARG B 335 -10.60 7.51 28.66
C ARG B 335 -9.13 7.69 29.03
N LYS B 336 -8.82 7.43 30.30
CA LYS B 336 -7.45 7.55 30.79
C LYS B 336 -6.59 6.33 30.46
N ASP B 337 -7.21 5.21 30.07
CA ASP B 337 -6.46 3.98 29.82
C ASP B 337 -5.91 3.90 28.40
N THR B 338 -6.28 4.82 27.52
CA THR B 338 -5.87 4.77 26.12
C THR B 338 -5.06 5.97 25.67
N LYS B 339 -5.29 7.15 26.24
CA LYS B 339 -4.62 8.37 25.80
C LYS B 339 -4.20 9.18 27.01
N GLU B 340 -3.20 10.03 26.81
CA GLU B 340 -2.61 10.84 27.85
C GLU B 340 -2.65 12.32 27.48
N ILE B 341 -2.68 13.15 28.51
CA ILE B 341 -2.70 14.60 28.37
C ILE B 341 -1.41 15.13 28.98
N TYR B 342 -0.51 15.60 28.13
CA TYR B 342 0.70 16.29 28.58
C TYR B 342 0.41 17.77 28.66
N THR B 343 0.74 18.37 29.80
CA THR B 343 0.41 19.76 30.09
C THR B 343 1.68 20.57 30.25
N HIS B 344 1.60 21.86 29.90
CA HIS B 344 2.75 22.73 29.98
C HIS B 344 2.27 24.17 30.01
N PHE B 345 2.81 24.97 30.92
CA PHE B 345 2.59 26.41 30.94
C PHE B 345 3.62 27.05 30.01
N THR B 346 3.13 27.66 28.93
CA THR B 346 3.93 27.92 27.74
C THR B 346 4.27 29.39 27.56
N CYS B 347 4.46 30.14 28.65
CA CYS B 347 4.92 31.50 28.57
C CYS B 347 6.45 31.61 28.62
N ALA B 348 7.15 30.48 28.72
CA ALA B 348 8.61 30.53 28.83
C ALA B 348 9.23 31.25 27.64
N THR B 349 8.59 31.20 26.48
CA THR B 349 9.03 31.92 25.28
C THR B 349 10.49 31.60 24.97
N ASP B 350 10.84 30.33 25.09
CA ASP B 350 12.19 29.85 24.81
C ASP B 350 12.07 28.47 24.17
N THR B 351 13.18 27.75 24.13
CA THR B 351 13.18 26.41 23.54
C THR B 351 12.40 25.40 24.37
N LYS B 352 11.99 25.74 25.58
CA LYS B 352 11.29 24.78 26.43
C LYS B 352 10.00 24.27 25.78
N ASN B 353 9.35 25.10 24.96
CA ASN B 353 8.12 24.65 24.30
C ASN B 353 8.41 23.56 23.27
N VAL B 354 9.40 23.79 22.41
CA VAL B 354 9.76 22.77 21.42
C VAL B 354 10.34 21.55 22.13
N GLN B 355 11.08 21.75 23.22
CA GLN B 355 11.59 20.61 23.96
C GLN B 355 10.44 19.79 24.53
N PHE B 356 9.42 20.45 25.07
CA PHE B 356 8.29 19.73 25.64
C PHE B 356 7.50 18.99 24.57
N VAL B 357 7.22 19.63 23.45
CA VAL B 357 6.47 18.93 22.41
C VAL B 357 7.29 17.77 21.87
N PHE B 358 8.62 17.94 21.79
CA PHE B 358 9.47 16.83 21.38
C PHE B 358 9.41 15.68 22.36
N ASP B 359 9.42 15.98 23.67
CA ASP B 359 9.34 14.90 24.66
C ASP B 359 8.01 14.17 24.57
N ALA B 360 6.91 14.92 24.45
CA ALA B 360 5.60 14.29 24.34
C ALA B 360 5.52 13.43 23.09
N VAL B 361 6.06 13.93 21.98
CA VAL B 361 6.07 13.16 20.75
C VAL B 361 6.95 11.92 20.86
N THR B 362 8.08 12.03 21.57
CA THR B 362 8.91 10.85 21.77
C THR B 362 8.15 9.79 22.57
N ASP B 363 7.44 10.21 23.60
CA ASP B 363 6.65 9.26 24.37
C ASP B 363 5.56 8.62 23.53
N VAL B 364 4.90 9.41 22.68
CA VAL B 364 3.86 8.86 21.82
C VAL B 364 4.45 7.86 20.83
N ILE B 365 5.62 8.17 20.26
CA ILE B 365 6.26 7.23 19.34
C ILE B 365 6.64 5.96 20.07
N ILE B 366 7.13 6.06 21.31
CA ILE B 366 7.50 4.86 22.04
C ILE B 366 6.27 4.01 22.30
N LYS B 367 5.15 4.64 22.66
CA LYS B 367 3.91 3.88 22.83
C LYS B 367 3.48 3.21 21.54
N ASN B 368 3.51 3.93 20.42
CA ASN B 368 3.07 3.35 19.17
C ASN B 368 3.96 2.19 18.78
N ASN B 369 5.27 2.30 19.03
CA ASN B 369 6.17 1.20 18.74
C ASN B 369 5.92 0.02 19.66
N LEU B 370 5.59 0.27 20.93
CA LEU B 370 5.26 -0.84 21.82
C LEU B 370 3.98 -1.55 21.37
N LYS B 371 2.97 -0.80 20.97
CA LYS B 371 1.76 -1.44 20.46
C LYS B 371 2.05 -2.22 19.18
N ASP B 372 2.82 -1.64 18.27
CA ASP B 372 3.13 -2.32 17.01
C ASP B 372 3.93 -3.59 17.26
N CYS B 373 4.87 -3.55 18.21
CA CYS B 373 5.62 -4.74 18.58
C CYS B 373 4.79 -5.74 19.37
N GLY B 374 3.58 -5.36 19.79
CA GLY B 374 2.74 -6.25 20.57
C GLY B 374 2.99 -6.24 22.05
N LEU B 375 3.76 -5.28 22.56
CA LEU B 375 4.09 -5.22 23.97
C LEU B 375 3.10 -4.40 24.79
N PHE B 376 2.04 -3.89 24.17
CA PHE B 376 1.10 -3.01 24.86
C PHE B 376 -0.30 -3.17 24.29
N GLU C 20 -40.47 44.39 13.38
CA GLU C 20 -40.68 44.25 11.91
C GLU C 20 -40.21 42.88 11.44
N LEU C 21 -39.14 42.37 12.05
CA LEU C 21 -38.62 41.06 11.68
C LEU C 21 -39.64 39.95 11.95
N ASP C 22 -40.50 40.15 12.96
CA ASP C 22 -41.55 39.16 13.23
C ASP C 22 -42.49 39.02 12.05
N GLN C 23 -42.87 40.14 11.43
CA GLN C 23 -43.74 40.07 10.26
C GLN C 23 -43.06 39.33 9.11
N LEU C 24 -41.76 39.57 8.92
CA LEU C 24 -41.01 38.88 7.88
C LEU C 24 -40.98 37.37 8.14
N ARG C 25 -40.74 36.98 9.39
CA ARG C 25 -40.86 35.57 9.74
C ARG C 25 -42.28 35.06 9.48
N GLN C 26 -43.28 35.91 9.68
CA GLN C 26 -44.67 35.49 9.51
C GLN C 26 -44.95 35.11 8.06
N GLU C 27 -44.64 35.99 7.10
CA GLU C 27 -44.98 35.59 5.73
C GLU C 27 -43.97 34.57 5.20
N ALA C 28 -42.77 34.50 5.77
CA ALA C 28 -41.91 33.36 5.46
C ALA C 28 -42.59 32.05 5.84
N GLU C 29 -43.17 32.01 7.04
CA GLU C 29 -43.86 30.81 7.49
C GLU C 29 -45.06 30.49 6.62
N GLN C 30 -45.83 31.51 6.22
CA GLN C 30 -47.02 31.21 5.43
C GLN C 30 -46.64 30.78 4.01
N LEU C 31 -45.56 31.33 3.46
CA LEU C 31 -45.05 30.84 2.18
C LEU C 31 -44.61 29.38 2.29
N LYS C 32 -43.91 29.04 3.38
CA LYS C 32 -43.53 27.65 3.58
C LYS C 32 -44.75 26.75 3.69
N ASN C 33 -45.78 27.21 4.40
CA ASN C 33 -47.01 26.44 4.55
C ASN C 33 -47.66 26.21 3.18
N GLN C 34 -47.72 27.25 2.36
CA GLN C 34 -48.32 27.11 1.03
C GLN C 34 -47.52 26.15 0.17
N ILE C 35 -46.20 26.26 0.20
CA ILE C 35 -45.36 25.40 -0.63
C ILE C 35 -45.52 23.94 -0.22
N ARG C 36 -45.50 23.68 1.09
CA ARG C 36 -45.64 22.30 1.55
C ARG C 36 -47.04 21.78 1.29
N ASP C 37 -48.07 22.65 1.35
CA ASP C 37 -49.41 22.22 0.99
C ASP C 37 -49.49 21.81 -0.47
N ALA C 38 -48.90 22.59 -1.36
CA ALA C 38 -48.88 22.22 -2.77
C ALA C 38 -48.12 20.92 -2.99
N ARG C 39 -47.00 20.76 -2.31
CA ARG C 39 -46.21 19.54 -2.47
C ARG C 39 -46.99 18.32 -1.97
N LYS C 40 -47.70 18.47 -0.84
CA LYS C 40 -48.57 17.40 -0.37
C LYS C 40 -49.66 17.10 -1.38
N ALA C 41 -50.20 18.15 -2.02
CA ALA C 41 -51.24 17.94 -3.03
C ALA C 41 -50.70 17.11 -4.19
N CYS C 42 -49.45 17.36 -4.59
CA CYS C 42 -48.88 16.63 -5.73
C CYS C 42 -48.68 15.15 -5.40
N ALA C 43 -48.54 14.80 -4.13
CA ALA C 43 -48.19 13.43 -3.73
C ALA C 43 -49.41 12.52 -3.83
N ASP C 44 -49.79 12.23 -5.07
CA ASP C 44 -50.91 11.32 -5.29
C ASP C 44 -50.52 9.86 -5.06
N ALA C 45 -49.25 9.52 -5.29
CA ALA C 45 -48.78 8.15 -5.12
C ALA C 45 -47.27 8.18 -4.87
N THR C 46 -46.67 6.99 -4.78
CA THR C 46 -45.24 6.85 -4.60
C THR C 46 -44.75 5.66 -5.42
N LEU C 47 -43.43 5.54 -5.55
CA LEU C 47 -42.86 4.45 -6.33
C LEU C 47 -43.29 3.09 -5.78
N SER C 48 -43.41 2.98 -4.46
CA SER C 48 -43.77 1.71 -3.86
C SER C 48 -45.13 1.21 -4.34
N GLN C 49 -45.99 2.10 -4.81
CA GLN C 49 -47.28 1.69 -5.37
C GLN C 49 -47.14 1.25 -6.83
N ILE C 50 -46.75 2.17 -7.71
CA ILE C 50 -46.74 1.86 -9.13
C ILE C 50 -45.63 0.88 -9.48
N THR C 51 -44.56 0.83 -8.69
CA THR C 51 -43.48 -0.12 -8.90
C THR C 51 -43.69 -1.41 -8.10
N ASN C 52 -44.87 -1.60 -7.53
CA ASN C 52 -45.17 -2.85 -6.85
C ASN C 52 -45.26 -4.03 -7.82
N ASN C 53 -45.49 -3.77 -9.11
CA ASN C 53 -45.70 -4.82 -10.09
C ASN C 53 -44.44 -5.26 -10.81
N ILE C 54 -43.39 -4.43 -10.81
CA ILE C 54 -42.20 -4.78 -11.57
C ILE C 54 -41.48 -5.97 -10.94
N ASP C 55 -40.67 -6.63 -11.76
CA ASP C 55 -39.96 -7.81 -11.28
C ASP C 55 -38.82 -7.39 -10.34
N PRO C 56 -38.63 -8.08 -9.21
CA PRO C 56 -37.47 -7.77 -8.38
C PRO C 56 -36.18 -8.03 -9.14
N VAL C 57 -35.19 -7.16 -8.91
CA VAL C 57 -33.93 -7.28 -9.63
C VAL C 57 -33.18 -8.54 -9.24
N GLY C 58 -33.43 -9.07 -8.05
CA GLY C 58 -32.76 -10.27 -7.60
C GLY C 58 -31.39 -9.98 -7.02
N ARG C 59 -30.76 -11.02 -6.48
CA ARG C 59 -29.45 -10.87 -5.89
C ARG C 59 -28.43 -10.45 -6.93
N ILE C 60 -27.62 -9.45 -6.58
CA ILE C 60 -26.59 -8.93 -7.46
C ILE C 60 -25.23 -9.35 -6.91
N GLN C 61 -24.71 -10.47 -7.39
CA GLN C 61 -23.42 -10.98 -6.94
C GLN C 61 -22.33 -10.31 -7.76
N MET C 62 -21.53 -9.48 -7.09
CA MET C 62 -20.41 -8.78 -7.72
C MET C 62 -19.11 -9.26 -7.09
N ARG C 63 -18.10 -9.46 -7.93
CA ARG C 63 -16.80 -9.94 -7.49
C ARG C 63 -15.76 -8.84 -7.70
N THR C 64 -14.72 -8.87 -6.87
CA THR C 64 -13.62 -7.93 -6.98
C THR C 64 -12.78 -8.33 -8.20
N ARG C 65 -13.11 -7.76 -9.35
CA ARG C 65 -12.33 -8.04 -10.56
C ARG C 65 -10.96 -7.39 -10.50
N ARG C 66 -10.85 -6.19 -9.93
CA ARG C 66 -9.57 -5.55 -9.74
C ARG C 66 -9.44 -4.99 -8.33
N THR C 67 -8.20 -4.92 -7.86
CA THR C 67 -7.86 -4.32 -6.57
C THR C 67 -6.70 -3.37 -6.82
N LEU C 68 -7.01 -2.13 -7.18
CA LEU C 68 -6.02 -1.12 -7.46
C LEU C 68 -5.35 -0.72 -6.15
N ARG C 69 -4.05 -0.99 -6.06
CA ARG C 69 -3.23 -0.78 -4.88
C ARG C 69 -2.14 0.25 -5.18
N GLY C 70 -1.68 0.92 -4.13
CA GLY C 70 -0.61 1.89 -4.26
C GLY C 70 -0.78 3.10 -3.38
N HIS C 71 -2.02 3.44 -3.06
CA HIS C 71 -2.26 4.46 -2.06
C HIS C 71 -1.86 3.94 -0.69
N LEU C 72 -1.25 4.82 0.11
CA LEU C 72 -0.74 4.47 1.44
C LEU C 72 -1.50 5.18 2.55
N ALA C 73 -2.68 5.72 2.24
CA ALA C 73 -3.49 6.40 3.23
C ALA C 73 -4.95 6.33 2.76
N LYS C 74 -5.82 7.03 3.49
CA LYS C 74 -7.23 7.02 3.15
C LYS C 74 -7.45 7.61 1.77
N ILE C 75 -8.33 6.96 1.00
CA ILE C 75 -8.77 7.48 -0.29
C ILE C 75 -10.07 8.23 -0.07
N TYR C 76 -10.06 9.54 -0.28
CA TYR C 76 -11.24 10.36 -0.01
C TYR C 76 -12.11 10.62 -1.23
N ALA C 77 -11.55 10.58 -2.43
CA ALA C 77 -12.35 10.79 -3.62
C ALA C 77 -11.73 10.06 -4.80
N MET C 78 -12.58 9.55 -5.67
CA MET C 78 -12.16 9.02 -6.95
C MET C 78 -13.18 9.47 -7.99
N HIS C 79 -12.75 9.51 -9.25
CA HIS C 79 -13.66 9.90 -10.32
C HIS C 79 -13.24 9.19 -11.60
N TRP C 80 -14.21 8.58 -12.27
CA TRP C 80 -13.93 7.90 -13.53
C TRP C 80 -13.68 8.90 -14.65
N GLY C 81 -13.12 8.39 -15.74
CA GLY C 81 -12.99 9.14 -16.96
C GLY C 81 -14.05 8.76 -17.97
N THR C 82 -14.33 9.68 -18.89
CA THR C 82 -15.38 9.46 -19.87
C THR C 82 -15.11 8.23 -20.71
N ASP C 83 -13.84 7.85 -20.88
CA ASP C 83 -13.51 6.63 -21.62
C ASP C 83 -13.84 5.37 -20.84
N SER C 84 -14.22 5.48 -19.58
CA SER C 84 -14.62 4.36 -18.73
C SER C 84 -13.46 3.42 -18.41
N ARG C 85 -12.22 3.88 -18.60
CA ARG C 85 -11.03 3.09 -18.33
C ARG C 85 -10.06 3.79 -17.39
N LEU C 86 -9.88 5.10 -17.55
CA LEU C 86 -8.96 5.87 -16.73
C LEU C 86 -9.72 6.48 -15.56
N LEU C 87 -9.19 6.31 -14.35
CA LEU C 87 -9.84 6.84 -13.16
C LEU C 87 -8.81 7.50 -12.26
N VAL C 88 -9.17 8.65 -11.70
CA VAL C 88 -8.32 9.39 -10.79
C VAL C 88 -8.78 9.11 -9.36
N SER C 89 -7.82 8.97 -8.44
CA SER C 89 -8.13 8.77 -7.04
C SER C 89 -7.21 9.61 -6.18
N ALA C 90 -7.79 10.25 -5.17
CA ALA C 90 -7.08 11.19 -4.30
C ALA C 90 -7.01 10.64 -2.89
N SER C 91 -5.81 10.70 -2.29
CA SER C 91 -5.60 10.21 -0.94
C SER C 91 -4.81 11.24 -0.14
N GLN C 92 -5.00 11.21 1.18
CA GLN C 92 -4.28 12.13 2.05
C GLN C 92 -2.87 11.68 2.35
N ASP C 93 -2.34 10.70 1.61
CA ASP C 93 -0.90 10.51 1.56
C ASP C 93 -0.21 11.61 0.76
N GLY C 94 -0.96 12.50 0.14
CA GLY C 94 -0.41 13.56 -0.67
C GLY C 94 -0.39 13.28 -2.15
N LYS C 95 -1.15 12.28 -2.61
CA LYS C 95 -1.07 11.80 -3.98
C LYS C 95 -2.45 11.78 -4.63
N LEU C 96 -2.41 11.96 -5.95
CA LEU C 96 -3.58 11.92 -6.83
C LEU C 96 -3.16 11.03 -8.00
N ILE C 97 -3.51 9.75 -7.92
CA ILE C 97 -3.04 8.77 -8.88
C ILE C 97 -4.06 8.61 -10.00
N ILE C 98 -3.58 8.67 -11.23
CA ILE C 98 -4.37 8.38 -12.43
C ILE C 98 -4.08 6.94 -12.81
N TRP C 99 -5.09 6.08 -12.69
CA TRP C 99 -4.99 4.66 -12.87
C TRP C 99 -5.61 4.23 -14.20
N ASP C 100 -5.01 3.20 -14.79
CA ASP C 100 -5.59 2.46 -15.90
C ASP C 100 -6.37 1.29 -15.31
N SER C 101 -7.70 1.35 -15.39
CA SER C 101 -8.53 0.35 -14.71
C SER C 101 -8.29 -1.05 -15.28
N TYR C 102 -8.15 -1.16 -16.60
CA TYR C 102 -8.11 -2.48 -17.21
C TYR C 102 -6.89 -3.28 -16.79
N THR C 103 -5.72 -2.63 -16.74
CA THR C 103 -4.46 -3.30 -16.45
C THR C 103 -3.90 -2.97 -15.08
N THR C 104 -4.68 -2.29 -14.23
CA THR C 104 -4.24 -1.86 -12.91
C THR C 104 -2.92 -1.11 -12.97
N ASN C 105 -2.66 -0.41 -14.06
CA ASN C 105 -1.44 0.37 -14.20
C ASN C 105 -1.69 1.80 -13.73
N LYS C 106 -0.63 2.43 -13.23
CA LYS C 106 -0.68 3.81 -12.80
C LYS C 106 -0.18 4.68 -13.94
N VAL C 107 -1.11 5.38 -14.60
CA VAL C 107 -0.73 6.24 -15.70
C VAL C 107 0.02 7.47 -15.17
N HIS C 108 -0.45 8.04 -14.07
CA HIS C 108 0.23 9.18 -13.46
C HIS C 108 0.11 9.11 -11.95
N ALA C 109 0.96 9.88 -11.26
CA ALA C 109 0.89 10.05 -9.81
C ALA C 109 1.26 11.50 -9.50
N ILE C 110 0.25 12.34 -9.38
CA ILE C 110 0.45 13.77 -9.14
C ILE C 110 0.70 13.99 -7.65
N PRO C 111 1.81 14.62 -7.26
CA PRO C 111 2.00 14.98 -5.84
C PRO C 111 1.36 16.32 -5.55
N LEU C 112 0.37 16.33 -4.66
CA LEU C 112 -0.36 17.54 -4.34
C LEU C 112 0.45 18.44 -3.41
N ARG C 113 0.27 19.75 -3.58
CA ARG C 113 0.92 20.70 -2.69
C ARG C 113 0.42 20.56 -1.27
N SER C 114 -0.89 20.40 -1.10
CA SER C 114 -1.51 20.17 0.21
C SER C 114 -2.06 18.76 0.26
N SER C 115 -1.63 17.98 1.25
CA SER C 115 -2.05 16.59 1.36
C SER C 115 -3.52 16.46 1.73
N TRP C 116 -4.10 17.46 2.38
CA TRP C 116 -5.50 17.39 2.82
C TRP C 116 -6.39 17.60 1.61
N VAL C 117 -6.63 16.51 0.88
CA VAL C 117 -7.48 16.49 -0.29
C VAL C 117 -8.69 15.63 0.03
N MET C 118 -9.88 16.19 -0.20
CA MET C 118 -11.12 15.45 0.00
C MET C 118 -12.02 15.48 -1.23
N THR C 119 -11.50 15.93 -2.37
CA THR C 119 -12.24 15.85 -3.62
C THR C 119 -11.27 15.71 -4.76
N CYS C 120 -11.76 15.17 -5.88
CA CYS C 120 -10.97 15.05 -7.08
C CYS C 120 -11.90 15.00 -8.28
N ALA C 121 -11.46 15.57 -9.38
CA ALA C 121 -12.23 15.61 -10.62
C ALA C 121 -11.33 15.22 -11.77
N TYR C 122 -11.94 14.63 -12.80
CA TYR C 122 -11.22 14.26 -14.01
C TYR C 122 -11.99 14.89 -15.15
N ALA C 123 -11.32 15.72 -15.95
CA ALA C 123 -12.03 16.51 -16.94
C ALA C 123 -12.69 15.59 -17.96
N PRO C 124 -13.88 15.94 -18.47
CA PRO C 124 -14.50 15.08 -19.50
C PRO C 124 -13.62 14.88 -20.71
N SER C 125 -12.90 15.92 -21.13
CA SER C 125 -11.95 15.77 -22.22
C SER C 125 -10.74 14.93 -21.82
N GLY C 126 -10.51 14.75 -20.52
CA GLY C 126 -9.37 14.00 -20.05
C GLY C 126 -8.07 14.78 -20.03
N ASN C 127 -8.09 16.05 -20.42
CA ASN C 127 -6.86 16.83 -20.44
C ASN C 127 -6.44 17.27 -19.04
N TYR C 128 -7.40 17.56 -18.17
CA TYR C 128 -7.12 18.14 -16.86
C TYR C 128 -7.77 17.30 -15.77
N VAL C 129 -7.19 17.41 -14.57
CA VAL C 129 -7.83 16.94 -13.35
C VAL C 129 -7.87 18.11 -12.38
N ALA C 130 -8.71 17.98 -11.35
CA ALA C 130 -8.80 18.99 -10.31
C ALA C 130 -8.84 18.31 -8.95
N CYS C 131 -8.40 19.05 -7.93
CA CYS C 131 -8.47 18.53 -6.56
C CYS C 131 -8.60 19.70 -5.60
N GLY C 132 -9.03 19.37 -4.38
CA GLY C 132 -9.17 20.40 -3.36
C GLY C 132 -9.42 19.78 -2.01
N GLY C 133 -9.50 20.64 -1.02
CA GLY C 133 -9.76 20.19 0.34
C GLY C 133 -9.70 21.32 1.35
N LEU C 134 -8.99 21.10 2.45
CA LEU C 134 -8.90 22.09 3.51
C LEU C 134 -8.04 23.29 3.14
N ASP C 135 -7.32 23.23 2.01
CA ASP C 135 -6.51 24.37 1.60
C ASP C 135 -7.35 25.52 1.04
N ASN C 136 -8.62 25.28 0.72
CA ASN C 136 -9.57 26.22 0.11
C ASN C 136 -9.30 26.42 -1.38
N ILE C 137 -8.28 25.78 -1.95
CA ILE C 137 -7.87 26.02 -3.32
C ILE C 137 -8.28 24.82 -4.16
N CYS C 138 -8.95 25.07 -5.28
CA CYS C 138 -9.19 24.05 -6.28
C CYS C 138 -8.01 24.10 -7.25
N SER C 139 -7.05 23.20 -7.05
CA SER C 139 -5.95 23.08 -7.98
C SER C 139 -6.41 22.38 -9.25
N ILE C 140 -5.90 22.84 -10.39
CA ILE C 140 -6.12 22.21 -11.69
C ILE C 140 -4.77 21.75 -12.21
N TYR C 141 -4.70 20.49 -12.61
CA TYR C 141 -3.47 19.88 -13.10
C TYR C 141 -3.65 19.50 -14.56
N ASN C 142 -2.71 19.93 -15.39
CA ASN C 142 -2.74 19.68 -16.83
C ASN C 142 -2.05 18.36 -17.11
N LEU C 143 -2.83 17.34 -17.49
CA LEU C 143 -2.26 16.02 -17.71
C LEU C 143 -1.39 15.99 -18.96
N LYS C 144 -1.88 16.56 -20.06
CA LYS C 144 -1.20 16.51 -21.34
C LYS C 144 -0.40 17.78 -21.54
N THR C 145 0.92 17.69 -21.43
CA THR C 145 1.81 18.82 -21.60
C THR C 145 2.99 18.41 -22.46
N ARG C 146 3.59 19.41 -23.13
CA ARG C 146 4.77 19.14 -23.95
C ARG C 146 5.92 18.61 -23.12
N GLU C 147 6.04 19.05 -21.87
CA GLU C 147 7.12 18.58 -21.02
C GLU C 147 6.97 17.12 -20.65
N GLY C 148 5.76 16.57 -20.72
CA GLY C 148 5.53 15.18 -20.41
C GLY C 148 5.18 14.89 -18.97
N ASN C 149 5.30 15.88 -18.08
CA ASN C 149 4.93 15.73 -16.68
C ASN C 149 3.67 16.53 -16.40
N VAL C 150 2.86 16.04 -15.46
CA VAL C 150 1.65 16.75 -15.06
C VAL C 150 2.04 17.98 -14.25
N ARG C 151 1.53 19.14 -14.67
CA ARG C 151 1.89 20.42 -14.06
C ARG C 151 0.63 21.14 -13.65
N VAL C 152 0.68 21.80 -12.49
CA VAL C 152 -0.45 22.60 -12.03
C VAL C 152 -0.67 23.76 -12.99
N SER C 153 -1.88 23.88 -13.51
CA SER C 153 -2.20 24.90 -14.51
C SER C 153 -2.84 26.14 -13.90
N ARG C 154 -3.65 26.00 -12.85
CA ARG C 154 -4.31 27.14 -12.25
C ARG C 154 -4.82 26.74 -10.88
N GLU C 155 -4.56 27.58 -9.87
CA GLU C 155 -5.01 27.36 -8.51
C GLU C 155 -6.15 28.33 -8.24
N LEU C 156 -7.37 27.81 -8.19
CA LEU C 156 -8.56 28.64 -8.01
C LEU C 156 -8.76 28.89 -6.51
N ALA C 157 -8.62 30.15 -6.10
CA ALA C 157 -8.74 30.55 -4.71
C ALA C 157 -9.84 31.59 -4.56
N GLY C 158 -10.44 31.62 -3.37
CA GLY C 158 -11.53 32.53 -3.11
C GLY C 158 -12.55 31.97 -2.13
N HIS C 159 -12.58 30.66 -1.97
CA HIS C 159 -13.42 30.04 -0.95
C HIS C 159 -12.80 30.25 0.42
N THR C 160 -13.66 30.44 1.42
CA THR C 160 -13.24 30.56 2.81
C THR C 160 -13.44 29.26 3.59
N GLY C 161 -13.84 28.17 2.91
CA GLY C 161 -14.07 26.91 3.58
C GLY C 161 -13.53 25.77 2.73
N TYR C 162 -13.42 24.60 3.37
CA TYR C 162 -12.81 23.45 2.71
C TYR C 162 -13.57 23.10 1.44
N LEU C 163 -12.84 22.75 0.40
CA LEU C 163 -13.46 22.28 -0.84
C LEU C 163 -13.93 20.85 -0.64
N SER C 164 -15.24 20.64 -0.68
CA SER C 164 -15.80 19.31 -0.47
C SER C 164 -16.03 18.55 -1.77
N CYS C 165 -16.36 19.25 -2.85
CA CYS C 165 -16.56 18.62 -4.13
C CYS C 165 -16.21 19.59 -5.25
N CYS C 166 -15.88 19.03 -6.41
CA CYS C 166 -15.54 19.82 -7.58
C CYS C 166 -15.72 18.96 -8.83
N ARG C 167 -16.40 19.51 -9.82
CA ARG C 167 -16.67 18.83 -11.09
C ARG C 167 -16.43 19.79 -12.25
N PHE C 168 -15.70 19.32 -13.25
CA PHE C 168 -15.49 20.10 -14.46
C PHE C 168 -16.78 20.22 -15.27
N LEU C 169 -17.02 21.42 -15.82
CA LEU C 169 -18.01 21.59 -16.87
C LEU C 169 -17.39 21.50 -18.25
N ASP C 170 -16.26 22.18 -18.44
CA ASP C 170 -15.48 22.15 -19.67
C ASP C 170 -14.02 22.11 -19.28
N ASP C 171 -13.15 22.26 -20.28
CA ASP C 171 -11.74 22.48 -19.99
C ASP C 171 -11.50 23.85 -19.36
N ASN C 172 -12.44 24.78 -19.51
CA ASN C 172 -12.27 26.16 -19.06
C ASN C 172 -13.06 26.52 -17.82
N GLN C 173 -14.19 25.85 -17.56
CA GLN C 173 -15.06 26.17 -16.43
C GLN C 173 -15.07 25.01 -15.45
N ILE C 174 -15.27 25.34 -14.18
CA ILE C 174 -15.37 24.31 -13.14
C ILE C 174 -16.28 24.80 -12.03
N VAL C 175 -17.13 23.91 -11.53
CA VAL C 175 -18.05 24.22 -10.42
C VAL C 175 -17.58 23.46 -9.19
N THR C 176 -17.54 24.17 -8.06
CA THR C 176 -16.97 23.64 -6.83
C THR C 176 -17.88 23.96 -5.66
N SER C 177 -17.88 23.06 -4.67
CA SER C 177 -18.61 23.25 -3.41
C SER C 177 -17.61 23.35 -2.28
N SER C 178 -17.90 24.21 -1.31
CA SER C 178 -16.93 24.59 -0.29
C SER C 178 -17.51 24.39 1.10
N GLY C 179 -16.62 24.47 2.09
CA GLY C 179 -17.02 24.52 3.48
C GLY C 179 -17.71 25.80 3.88
N ASP C 180 -17.79 26.77 2.97
CA ASP C 180 -18.69 27.89 3.14
C ASP C 180 -20.13 27.39 3.02
N THR C 181 -21.06 28.31 3.12
CA THR C 181 -22.43 28.06 2.72
C THR C 181 -22.64 28.23 1.22
N THR C 182 -21.57 28.20 0.42
CA THR C 182 -21.63 28.64 -0.97
C THR C 182 -20.93 27.66 -1.90
N CYS C 183 -21.39 27.61 -3.13
CA CYS C 183 -20.71 26.99 -4.25
C CYS C 183 -20.23 28.09 -5.19
N ALA C 184 -19.39 27.72 -6.15
CA ALA C 184 -18.86 28.70 -7.08
C ALA C 184 -18.55 28.08 -8.43
N LEU C 185 -18.84 28.83 -9.49
CA LEU C 185 -18.41 28.51 -10.85
C LEU C 185 -17.23 29.40 -11.19
N TRP C 186 -16.13 28.78 -11.61
CA TRP C 186 -14.86 29.45 -11.86
C TRP C 186 -14.50 29.34 -13.33
N ASP C 187 -13.92 30.43 -13.84
CA ASP C 187 -13.27 30.46 -15.14
C ASP C 187 -11.80 30.08 -14.93
N ILE C 188 -11.42 28.88 -15.40
CA ILE C 188 -10.08 28.38 -15.15
C ILE C 188 -9.03 29.23 -15.86
N GLU C 189 -9.37 29.80 -17.02
CA GLU C 189 -8.40 30.60 -17.76
C GLU C 189 -7.98 31.82 -16.95
N THR C 190 -8.93 32.53 -16.37
CA THR C 190 -8.66 33.79 -15.69
C THR C 190 -8.63 33.66 -14.17
N GLY C 191 -9.26 32.64 -13.60
CA GLY C 191 -9.13 32.34 -12.19
C GLY C 191 -10.16 32.97 -11.28
N GLN C 192 -10.99 33.88 -11.80
CA GLN C 192 -12.01 34.50 -10.96
C GLN C 192 -13.23 33.58 -10.84
N GLN C 193 -14.07 33.89 -9.87
CA GLN C 193 -15.36 33.20 -9.70
C GLN C 193 -16.35 33.79 -10.68
N THR C 194 -16.66 33.03 -11.74
CA THR C 194 -17.66 33.49 -12.70
C THR C 194 -19.01 33.69 -12.03
N THR C 195 -19.37 32.77 -11.14
CA THR C 195 -20.65 32.84 -10.43
C THR C 195 -20.47 32.33 -9.01
N THR C 196 -21.29 32.86 -8.11
CA THR C 196 -21.30 32.42 -6.71
C THR C 196 -22.72 32.05 -6.32
N PHE C 197 -22.86 30.90 -5.66
CA PHE C 197 -24.14 30.36 -5.23
C PHE C 197 -24.17 30.44 -3.71
N THR C 198 -25.11 31.19 -3.15
CA THR C 198 -25.01 31.63 -1.76
C THR C 198 -26.07 31.08 -0.82
N GLY C 199 -27.12 30.44 -1.34
CA GLY C 199 -28.35 30.26 -0.58
C GLY C 199 -28.25 29.35 0.63
N HIS C 200 -27.32 28.42 0.66
CA HIS C 200 -27.31 27.44 1.75
C HIS C 200 -27.07 28.13 3.10
N THR C 201 -27.34 27.38 4.16
CA THR C 201 -27.13 27.83 5.53
C THR C 201 -26.13 26.97 6.29
N GLY C 202 -25.46 26.04 5.62
CA GLY C 202 -24.50 25.17 6.27
C GLY C 202 -23.48 24.69 5.27
N ASP C 203 -22.57 23.85 5.76
CA ASP C 203 -21.48 23.37 4.93
C ASP C 203 -22.03 22.58 3.76
N VAL C 204 -21.55 22.88 2.56
CA VAL C 204 -21.90 22.11 1.38
C VAL C 204 -20.89 20.98 1.23
N MET C 205 -21.38 19.74 1.22
CA MET C 205 -20.50 18.58 1.31
C MET C 205 -20.35 17.82 0.00
N SER C 206 -21.34 17.88 -0.89
CA SER C 206 -21.27 17.14 -2.14
C SER C 206 -21.89 17.98 -3.25
N LEU C 207 -21.62 17.56 -4.49
CA LEU C 207 -22.03 18.34 -5.65
C LEU C 207 -22.08 17.39 -6.84
N SER C 208 -23.26 17.25 -7.43
CA SER C 208 -23.45 16.43 -8.62
C SER C 208 -23.80 17.33 -9.79
N LEU C 209 -23.11 17.13 -10.92
CA LEU C 209 -23.34 17.89 -12.13
C LEU C 209 -24.33 17.14 -13.02
N ALA C 210 -25.33 17.85 -13.52
CA ALA C 210 -26.32 17.23 -14.37
C ALA C 210 -25.64 16.74 -15.66
N PRO C 211 -26.21 15.75 -16.33
CA PRO C 211 -25.58 15.26 -17.58
C PRO C 211 -25.39 16.35 -18.62
N ASP C 212 -26.34 17.28 -18.73
CA ASP C 212 -26.18 18.41 -19.64
C ASP C 212 -25.29 19.51 -19.08
N THR C 213 -25.02 19.49 -17.77
CA THR C 213 -24.21 20.48 -17.07
C THR C 213 -24.89 21.84 -16.94
N ARG C 214 -26.14 21.98 -17.39
CA ARG C 214 -26.86 23.23 -17.20
C ARG C 214 -27.16 23.49 -15.74
N LEU C 215 -27.48 22.43 -14.98
CA LEU C 215 -27.86 22.55 -13.58
C LEU C 215 -26.99 21.61 -12.76
N PHE C 216 -26.86 21.93 -11.48
CA PHE C 216 -26.16 21.05 -10.56
C PHE C 216 -26.81 21.11 -9.19
N VAL C 217 -26.81 19.98 -8.50
CA VAL C 217 -27.38 19.89 -7.16
C VAL C 217 -26.24 19.89 -6.16
N SER C 218 -26.54 20.36 -4.95
CA SER C 218 -25.55 20.44 -3.89
C SER C 218 -26.25 20.12 -2.57
N GLY C 219 -25.74 19.12 -1.86
CA GLY C 219 -26.26 18.75 -0.56
C GLY C 219 -25.39 19.36 0.53
N ALA C 220 -26.05 19.89 1.56
CA ALA C 220 -25.37 20.66 2.59
C ALA C 220 -25.66 20.07 3.95
N CYS C 221 -24.90 20.53 4.95
CA CYS C 221 -25.06 20.06 6.31
C CYS C 221 -26.27 20.65 7.00
N ASP C 222 -27.01 21.55 6.35
CA ASP C 222 -28.32 21.97 6.82
C ASP C 222 -29.42 20.97 6.46
N ALA C 223 -29.06 19.75 6.07
CA ALA C 223 -30.02 18.68 5.76
C ALA C 223 -30.89 19.06 4.57
N SER C 224 -30.34 19.82 3.62
CA SER C 224 -31.05 20.23 2.43
C SER C 224 -30.18 20.06 1.21
N ALA C 225 -30.82 19.74 0.09
CA ALA C 225 -30.18 19.67 -1.21
C ALA C 225 -30.78 20.74 -2.11
N LYS C 226 -29.94 21.59 -2.67
CA LYS C 226 -30.39 22.74 -3.46
C LYS C 226 -30.00 22.54 -4.92
N LEU C 227 -30.92 22.88 -5.82
CA LEU C 227 -30.70 22.81 -7.25
C LEU C 227 -30.32 24.18 -7.77
N TRP C 228 -29.23 24.24 -8.53
CA TRP C 228 -28.64 25.48 -9.01
C TRP C 228 -28.61 25.51 -10.52
N ASP C 229 -28.82 26.70 -11.07
CA ASP C 229 -28.70 26.97 -12.49
C ASP C 229 -27.36 27.68 -12.70
N VAL C 230 -26.55 27.13 -13.60
CA VAL C 230 -25.16 27.56 -13.69
C VAL C 230 -25.04 28.99 -14.20
N ARG C 231 -25.88 29.38 -15.17
CA ARG C 231 -25.66 30.64 -15.88
C ARG C 231 -26.40 31.81 -15.27
N GLU C 232 -27.04 31.64 -14.10
CA GLU C 232 -27.69 32.77 -13.44
C GLU C 232 -27.49 32.79 -11.94
N GLY C 233 -26.73 31.86 -11.36
CA GLY C 233 -26.35 31.96 -9.96
C GLY C 233 -27.52 32.00 -9.01
N MET C 234 -28.60 31.27 -9.30
CA MET C 234 -29.84 31.39 -8.55
C MET C 234 -30.36 29.99 -8.27
N CYS C 235 -30.86 29.77 -7.05
CA CYS C 235 -31.31 28.45 -6.63
C CYS C 235 -32.68 28.13 -7.21
N ARG C 236 -32.78 27.09 -8.03
CA ARG C 236 -34.07 26.73 -8.59
C ARG C 236 -34.98 26.12 -7.53
N GLN C 237 -34.48 25.18 -6.74
CA GLN C 237 -35.33 24.41 -5.84
C GLN C 237 -34.54 24.00 -4.60
N THR C 238 -35.28 23.71 -3.53
CA THR C 238 -34.71 23.20 -2.28
C THR C 238 -35.47 21.95 -1.86
N PHE C 239 -34.73 20.90 -1.52
CA PHE C 239 -35.27 19.61 -1.11
C PHE C 239 -34.86 19.31 0.32
N THR C 240 -35.82 18.95 1.15
CA THR C 240 -35.60 18.64 2.55
C THR C 240 -36.25 17.32 2.89
N GLY C 241 -35.88 16.79 4.05
CA GLY C 241 -36.41 15.51 4.50
C GLY C 241 -35.37 14.68 5.23
N HIS C 242 -34.10 14.90 4.95
CA HIS C 242 -33.05 14.21 5.67
C HIS C 242 -33.00 14.68 7.12
N GLU C 243 -32.65 13.76 8.01
CA GLU C 243 -32.55 14.06 9.43
C GLU C 243 -31.20 14.65 9.82
N SER C 244 -30.20 14.62 8.93
CA SER C 244 -28.87 15.08 9.28
C SER C 244 -28.17 15.56 8.00
N ASP C 245 -26.89 15.89 8.14
CA ASP C 245 -26.13 16.46 7.03
C ASP C 245 -26.04 15.49 5.86
N ILE C 246 -26.11 16.03 4.65
CA ILE C 246 -26.06 15.25 3.43
C ILE C 246 -24.60 15.18 2.98
N ASN C 247 -24.04 13.98 2.99
CA ASN C 247 -22.64 13.78 2.61
C ASN C 247 -22.44 13.55 1.13
N ALA C 248 -23.46 13.06 0.42
CA ALA C 248 -23.30 12.63 -0.96
C ALA C 248 -24.54 13.02 -1.76
N ILE C 249 -24.37 13.10 -3.07
CA ILE C 249 -25.48 13.44 -3.96
C ILE C 249 -25.08 13.04 -5.37
N CYS C 250 -26.06 12.58 -6.16
CA CYS C 250 -25.80 12.13 -7.51
C CYS C 250 -27.08 12.17 -8.31
N PHE C 251 -26.99 12.67 -9.55
CA PHE C 251 -28.15 12.66 -10.43
C PHE C 251 -28.49 11.26 -10.90
N PHE C 252 -29.80 11.00 -11.00
CA PHE C 252 -30.28 9.93 -11.84
C PHE C 252 -29.86 10.21 -13.29
N PRO C 253 -29.53 9.18 -14.09
CA PRO C 253 -29.01 9.45 -15.44
C PRO C 253 -29.91 10.33 -16.30
N ASN C 254 -31.20 10.41 -15.98
CA ASN C 254 -32.08 11.37 -16.66
C ASN C 254 -31.52 12.79 -16.57
N GLY C 255 -30.96 13.14 -15.42
CA GLY C 255 -30.68 14.51 -15.10
C GLY C 255 -31.84 15.26 -14.49
N ASN C 256 -33.02 14.63 -14.39
CA ASN C 256 -34.20 15.25 -13.78
C ASN C 256 -34.47 14.72 -12.37
N ALA C 257 -33.55 13.95 -11.80
CA ALA C 257 -33.72 13.41 -10.46
C ALA C 257 -32.35 13.13 -9.89
N PHE C 258 -32.27 13.03 -8.56
CA PHE C 258 -31.00 12.83 -7.89
C PHE C 258 -31.23 12.14 -6.55
N ALA C 259 -30.20 11.44 -6.09
CA ALA C 259 -30.24 10.70 -4.84
C ALA C 259 -29.18 11.20 -3.89
N THR C 260 -29.53 11.31 -2.62
CA THR C 260 -28.68 11.87 -1.58
C THR C 260 -28.53 10.85 -0.45
N GLY C 261 -27.40 10.92 0.23
CA GLY C 261 -27.18 10.12 1.42
C GLY C 261 -26.66 10.98 2.54
N SER C 262 -27.05 10.65 3.77
CA SER C 262 -26.76 11.48 4.93
C SER C 262 -26.26 10.60 6.07
N ASP C 263 -25.81 11.26 7.15
CA ASP C 263 -25.30 10.52 8.30
C ASP C 263 -26.37 9.68 8.98
N ASP C 264 -27.64 10.01 8.80
CA ASP C 264 -28.69 9.09 9.20
C ASP C 264 -28.74 7.98 8.15
N ALA C 265 -28.97 6.75 8.61
CA ALA C 265 -28.78 5.60 7.74
C ALA C 265 -29.90 5.49 6.71
N THR C 266 -30.03 6.50 5.86
CA THR C 266 -31.02 6.50 4.79
C THR C 266 -30.44 7.21 3.57
N CYS C 267 -30.77 6.71 2.39
CA CYS C 267 -30.65 7.48 1.16
C CYS C 267 -32.03 7.95 0.76
N ARG C 268 -32.12 9.08 0.07
CA ARG C 268 -33.39 9.60 -0.40
C ARG C 268 -33.29 9.95 -1.87
N LEU C 269 -34.34 9.64 -2.61
CA LEU C 269 -34.41 9.89 -4.05
C LEU C 269 -35.38 11.04 -4.28
N PHE C 270 -34.86 12.20 -4.68
CA PHE C 270 -35.64 13.39 -4.93
C PHE C 270 -35.77 13.59 -6.43
N ASP C 271 -36.96 14.01 -6.86
CA ASP C 271 -37.24 14.27 -8.26
C ASP C 271 -37.52 15.75 -8.46
N LEU C 272 -36.89 16.34 -9.47
CA LEU C 272 -36.96 17.79 -9.64
C LEU C 272 -38.34 18.24 -10.10
N ARG C 273 -38.90 17.55 -11.11
CA ARG C 273 -40.16 18.01 -11.69
C ARG C 273 -41.30 17.92 -10.68
N ALA C 274 -41.32 16.85 -9.87
CA ALA C 274 -42.30 16.74 -8.80
C ALA C 274 -41.86 17.48 -7.54
N ASP C 275 -40.60 17.92 -7.48
CA ASP C 275 -40.12 18.79 -6.41
C ASP C 275 -40.43 18.19 -5.04
N GLN C 276 -40.17 16.90 -4.89
CA GLN C 276 -40.55 16.19 -3.68
C GLN C 276 -39.67 14.97 -3.50
N GLU C 277 -39.66 14.44 -2.27
CA GLU C 277 -38.97 13.20 -1.98
C GLU C 277 -39.81 12.03 -2.48
N LEU C 278 -39.17 11.08 -3.16
CA LEU C 278 -39.86 9.92 -3.71
C LEU C 278 -39.68 8.68 -2.84
N MET C 279 -38.43 8.26 -2.61
CA MET C 279 -38.15 6.97 -2.01
C MET C 279 -37.08 7.12 -0.94
N THR C 280 -37.22 6.35 0.13
CA THR C 280 -36.24 6.28 1.21
C THR C 280 -35.65 4.87 1.24
N TYR C 281 -34.32 4.80 1.20
CA TYR C 281 -33.58 3.55 1.19
C TYR C 281 -32.99 3.40 2.58
N SER C 282 -33.67 2.62 3.42
CA SER C 282 -33.32 2.44 4.82
C SER C 282 -33.49 0.98 5.21
N HIS C 283 -32.82 0.59 6.29
CA HIS C 283 -32.97 -0.74 6.86
C HIS C 283 -32.66 -0.68 8.34
N ASP C 284 -33.29 -1.56 9.11
CA ASP C 284 -33.05 -1.60 10.54
C ASP C 284 -31.60 -1.93 10.86
N ASN C 285 -31.00 -2.83 10.10
CA ASN C 285 -29.62 -3.23 10.36
C ASN C 285 -28.66 -2.06 10.22
N ILE C 286 -28.84 -1.25 9.18
CA ILE C 286 -27.95 -0.13 8.94
C ILE C 286 -28.27 0.97 9.95
N ILE C 287 -27.27 1.37 10.72
CA ILE C 287 -27.42 2.42 11.73
C ILE C 287 -26.31 3.45 11.57
N CYS C 288 -25.74 3.56 10.37
CA CYS C 288 -24.58 4.40 10.13
C CYS C 288 -24.79 5.24 8.87
N GLY C 289 -23.93 6.24 8.71
CA GLY C 289 -24.09 7.19 7.64
C GLY C 289 -23.69 6.65 6.28
N ILE C 290 -24.12 7.38 5.25
CA ILE C 290 -23.77 7.10 3.86
C ILE C 290 -22.72 8.09 3.44
N THR C 291 -21.59 7.59 2.94
CA THR C 291 -20.48 8.45 2.53
C THR C 291 -20.57 8.87 1.08
N SER C 292 -21.03 7.98 0.20
CA SER C 292 -21.10 8.25 -1.22
C SER C 292 -22.26 7.48 -1.81
N VAL C 293 -22.75 7.96 -2.96
CA VAL C 293 -23.90 7.36 -3.63
C VAL C 293 -23.65 7.42 -5.14
N SER C 294 -24.22 6.45 -5.85
CA SER C 294 -24.07 6.39 -7.30
C SER C 294 -25.23 5.60 -7.89
N PHE C 295 -25.45 5.81 -9.19
CA PHE C 295 -26.48 5.12 -9.94
C PHE C 295 -25.85 4.28 -11.04
N SER C 296 -26.47 3.14 -11.34
CA SER C 296 -26.06 2.37 -12.50
C SER C 296 -26.41 3.15 -13.76
N LYS C 297 -25.94 2.63 -14.91
CA LYS C 297 -26.18 3.31 -16.17
C LYS C 297 -27.67 3.45 -16.45
N SER C 298 -28.43 2.39 -16.22
CA SER C 298 -29.87 2.44 -16.42
C SER C 298 -30.62 3.09 -15.25
N GLY C 299 -29.97 3.20 -14.10
CA GLY C 299 -30.59 3.78 -12.92
C GLY C 299 -31.40 2.81 -12.08
N ARG C 300 -31.50 1.54 -12.50
CA ARG C 300 -32.26 0.58 -11.72
C ARG C 300 -31.54 0.17 -10.44
N LEU C 301 -30.22 0.32 -10.40
CA LEU C 301 -29.42 0.02 -9.22
C LEU C 301 -28.87 1.32 -8.64
N LEU C 302 -29.00 1.48 -7.34
CA LEU C 302 -28.45 2.62 -6.62
C LEU C 302 -27.35 2.09 -5.71
N LEU C 303 -26.12 2.51 -5.95
CA LEU C 303 -24.98 2.06 -5.18
C LEU C 303 -24.74 3.06 -4.06
N ALA C 304 -24.48 2.57 -2.85
CA ALA C 304 -24.25 3.46 -1.72
C ALA C 304 -23.16 2.91 -0.82
N GLY C 305 -22.12 3.70 -0.58
CA GLY C 305 -21.09 3.34 0.37
C GLY C 305 -21.41 3.85 1.76
N TYR C 306 -20.98 3.10 2.76
CA TYR C 306 -21.45 3.26 4.12
C TYR C 306 -20.26 3.32 5.09
N ASP C 307 -20.52 3.88 6.28
CA ASP C 307 -19.50 3.87 7.32
C ASP C 307 -19.17 2.45 7.73
N ASP C 308 -20.19 1.60 7.90
CA ASP C 308 -19.94 0.18 7.99
C ASP C 308 -19.32 -0.28 6.69
N PHE C 309 -18.43 -1.26 6.78
CA PHE C 309 -17.36 -1.39 5.80
C PHE C 309 -17.90 -2.13 4.58
N ASN C 310 -18.85 -1.48 3.91
CA ASN C 310 -19.66 -2.15 2.90
C ASN C 310 -20.16 -1.12 1.91
N CYS C 311 -20.59 -1.62 0.75
CA CYS C 311 -21.34 -0.83 -0.22
C CYS C 311 -22.62 -1.58 -0.57
N ASN C 312 -23.76 -1.05 -0.17
CA ASN C 312 -25.03 -1.71 -0.41
C ASN C 312 -25.58 -1.30 -1.78
N VAL C 313 -26.06 -2.29 -2.53
CA VAL C 313 -26.67 -2.09 -3.83
C VAL C 313 -28.17 -2.21 -3.65
N TRP C 314 -28.88 -1.11 -3.90
CA TRP C 314 -30.31 -0.99 -3.65
C TRP C 314 -31.07 -1.06 -4.97
N ASP C 315 -32.18 -1.78 -4.96
CA ASP C 315 -33.12 -1.76 -6.08
C ASP C 315 -33.83 -0.42 -6.07
N ALA C 316 -33.40 0.50 -6.95
CA ALA C 316 -33.83 1.90 -6.86
C ALA C 316 -35.33 2.06 -7.03
N LEU C 317 -36.01 1.11 -7.66
CA LEU C 317 -37.44 1.24 -7.89
C LEU C 317 -38.27 0.63 -6.77
N LYS C 318 -37.76 -0.43 -6.13
CA LYS C 318 -38.46 -1.14 -5.08
C LYS C 318 -37.93 -0.85 -3.68
N ALA C 319 -36.78 -0.17 -3.56
CA ALA C 319 -36.10 0.10 -2.31
C ALA C 319 -35.61 -1.16 -1.60
N ASP C 320 -35.73 -2.31 -2.23
CA ASP C 320 -35.16 -3.54 -1.66
C ASP C 320 -33.67 -3.53 -1.89
N ARG C 321 -32.92 -3.98 -0.88
CA ARG C 321 -31.49 -4.12 -1.06
C ARG C 321 -31.21 -5.29 -2.00
N ALA C 322 -30.54 -5.02 -3.10
CA ALA C 322 -30.27 -6.03 -4.11
C ALA C 322 -28.99 -6.80 -3.82
N GLY C 323 -28.04 -6.20 -3.12
CA GLY C 323 -26.79 -6.90 -2.86
C GLY C 323 -25.88 -6.10 -1.97
N VAL C 324 -24.71 -6.69 -1.70
CA VAL C 324 -23.69 -6.06 -0.88
C VAL C 324 -22.34 -6.28 -1.53
N LEU C 325 -21.52 -5.23 -1.55
CA LEU C 325 -20.11 -5.29 -1.90
C LEU C 325 -19.36 -5.18 -0.58
N ALA C 326 -19.03 -6.33 -0.01
CA ALA C 326 -18.54 -6.42 1.36
C ALA C 326 -17.02 -6.43 1.47
N GLY C 327 -16.30 -6.31 0.36
CA GLY C 327 -14.86 -6.49 0.40
C GLY C 327 -14.06 -5.24 0.69
N HIS C 328 -14.27 -4.64 1.85
CA HIS C 328 -13.47 -3.50 2.29
C HIS C 328 -13.27 -3.57 3.80
N ASP C 329 -12.15 -3.03 4.25
CA ASP C 329 -11.78 -3.07 5.67
C ASP C 329 -12.01 -1.73 6.37
N ASN C 330 -12.53 -0.72 5.68
CA ASN C 330 -12.79 0.57 6.31
C ASN C 330 -13.92 1.25 5.54
N ARG C 331 -14.26 2.46 5.97
CA ARG C 331 -15.35 3.21 5.35
C ARG C 331 -15.15 3.35 3.85
N VAL C 332 -16.21 3.06 3.09
CA VAL C 332 -16.20 3.22 1.65
C VAL C 332 -16.44 4.69 1.34
N SER C 333 -15.37 5.47 1.28
CA SER C 333 -15.52 6.92 1.18
C SER C 333 -16.10 7.34 -0.16
N CYS C 334 -15.69 6.68 -1.26
CA CYS C 334 -16.05 7.14 -2.58
C CYS C 334 -16.52 6.00 -3.47
N LEU C 335 -17.42 6.33 -4.39
CA LEU C 335 -17.95 5.41 -5.38
C LEU C 335 -17.87 6.03 -6.76
N GLY C 336 -17.85 5.17 -7.77
CA GLY C 336 -17.91 5.62 -9.14
C GLY C 336 -18.41 4.55 -10.07
N VAL C 337 -19.34 4.90 -10.96
CA VAL C 337 -19.83 3.99 -11.98
C VAL C 337 -19.47 4.57 -13.34
N THR C 338 -18.84 3.76 -14.19
CA THR C 338 -18.40 4.23 -15.49
C THR C 338 -19.60 4.70 -16.32
N ASP C 339 -19.30 5.51 -17.33
CA ASP C 339 -20.36 5.96 -18.23
C ASP C 339 -20.98 4.78 -18.97
N ASP C 340 -20.15 3.85 -19.44
CA ASP C 340 -20.65 2.63 -20.06
C ASP C 340 -21.23 1.66 -19.03
N GLY C 341 -21.06 1.92 -17.74
CA GLY C 341 -21.66 1.09 -16.72
C GLY C 341 -21.12 -0.32 -16.68
N MET C 342 -19.87 -0.51 -17.09
CA MET C 342 -19.30 -1.85 -17.12
C MET C 342 -18.82 -2.29 -15.73
N ALA C 343 -18.40 -1.37 -14.89
CA ALA C 343 -17.86 -1.73 -13.58
C ALA C 343 -18.10 -0.59 -12.61
N VAL C 344 -18.01 -0.92 -11.32
CA VAL C 344 -18.17 0.04 -10.23
C VAL C 344 -16.90 0.04 -9.40
N ALA C 345 -16.35 1.22 -9.17
CA ALA C 345 -15.13 1.41 -8.39
C ALA C 345 -15.48 1.95 -7.03
N THR C 346 -15.02 1.26 -5.99
CA THR C 346 -15.23 1.65 -4.60
C THR C 346 -13.88 1.95 -3.99
N GLY C 347 -13.72 3.15 -3.45
CA GLY C 347 -12.53 3.54 -2.73
C GLY C 347 -12.86 3.78 -1.27
N SER C 348 -12.01 3.24 -0.40
CA SER C 348 -12.26 3.24 1.03
C SER C 348 -11.02 3.73 1.77
N TRP C 349 -11.20 3.92 3.08
CA TRP C 349 -10.12 4.40 3.93
C TRP C 349 -9.05 3.36 4.19
N ASP C 350 -9.25 2.12 3.78
CA ASP C 350 -8.19 1.12 3.87
C ASP C 350 -7.13 1.27 2.78
N SER C 351 -7.24 2.29 1.93
CA SER C 351 -6.25 2.69 0.93
C SER C 351 -6.29 1.81 -0.32
N PHE C 352 -7.25 0.91 -0.44
CA PHE C 352 -7.43 0.11 -1.65
C PHE C 352 -8.55 0.70 -2.48
N LEU C 353 -8.57 0.33 -3.76
CA LEU C 353 -9.57 0.85 -4.69
C LEU C 353 -10.05 -0.32 -5.56
N LYS C 354 -11.19 -0.89 -5.21
CA LYS C 354 -11.63 -2.13 -5.85
C LYS C 354 -12.59 -1.85 -7.00
N ILE C 355 -12.39 -2.58 -8.10
CA ILE C 355 -13.28 -2.55 -9.27
C ILE C 355 -14.09 -3.83 -9.26
N TRP C 356 -15.40 -3.68 -9.15
CA TRP C 356 -16.35 -4.78 -9.10
C TRP C 356 -17.14 -4.83 -10.40
N ASN C 357 -17.49 -6.06 -10.79
CA ASN C 357 -18.28 -6.29 -12.00
C ASN C 357 -19.13 -7.54 -11.84
N ALA D 7 -30.04 44.47 10.63
CA ALA D 7 -29.44 43.24 11.22
C ALA D 7 -29.90 42.00 10.45
N SER D 8 -31.08 41.50 10.79
CA SER D 8 -31.67 40.34 10.13
C SER D 8 -32.59 40.72 8.98
N ILE D 9 -32.74 42.02 8.70
CA ILE D 9 -33.62 42.47 7.62
C ILE D 9 -33.14 41.92 6.27
N ALA D 10 -31.82 41.90 6.06
CA ALA D 10 -31.27 41.55 4.76
C ALA D 10 -31.61 40.11 4.40
N GLN D 11 -31.11 39.15 5.19
CA GLN D 11 -31.39 37.75 4.90
C GLN D 11 -32.89 37.45 5.02
N ALA D 12 -33.62 38.23 5.82
CA ALA D 12 -35.07 38.05 5.88
C ALA D 12 -35.71 38.33 4.52
N ARG D 13 -35.38 39.48 3.91
CA ARG D 13 -35.92 39.77 2.60
C ARG D 13 -35.45 38.74 1.57
N LYS D 14 -34.17 38.35 1.65
CA LYS D 14 -33.66 37.38 0.69
C LYS D 14 -34.41 36.04 0.79
N LEU D 15 -34.65 35.57 2.01
CA LEU D 15 -35.29 34.27 2.15
C LEU D 15 -36.78 34.33 1.85
N VAL D 16 -37.45 35.43 2.15
CA VAL D 16 -38.87 35.52 1.79
C VAL D 16 -39.00 35.59 0.27
N GLU D 17 -38.08 36.29 -0.41
CA GLU D 17 -38.12 36.29 -1.87
C GLU D 17 -37.79 34.92 -2.43
N GLN D 18 -36.85 34.20 -1.79
CA GLN D 18 -36.57 32.82 -2.17
C GLN D 18 -37.83 31.97 -2.09
N LEU D 19 -38.55 32.06 -0.97
CA LEU D 19 -39.75 31.25 -0.80
C LEU D 19 -40.82 31.64 -1.81
N LYS D 20 -40.98 32.95 -2.06
CA LYS D 20 -41.94 33.39 -3.06
C LYS D 20 -41.60 32.82 -4.44
N MET D 21 -40.33 32.87 -4.82
CA MET D 21 -39.93 32.36 -6.13
C MET D 21 -40.16 30.84 -6.21
N GLU D 22 -39.78 30.11 -5.15
CA GLU D 22 -39.99 28.68 -5.15
C GLU D 22 -41.47 28.30 -5.12
N ALA D 23 -42.33 29.20 -4.64
CA ALA D 23 -43.77 28.95 -4.75
C ALA D 23 -44.19 28.92 -6.21
N ASN D 24 -43.61 29.80 -7.03
CA ASN D 24 -43.93 29.85 -8.46
C ASN D 24 -43.09 28.84 -9.22
N ILE D 25 -43.49 27.58 -9.10
CA ILE D 25 -42.89 26.48 -9.85
C ILE D 25 -44.01 25.64 -10.44
N ASP D 26 -43.91 25.34 -11.74
CA ASP D 26 -44.82 24.41 -12.38
C ASP D 26 -44.35 22.99 -12.10
N ARG D 27 -45.01 22.33 -11.15
CA ARG D 27 -44.62 21.01 -10.69
C ARG D 27 -45.73 20.01 -11.01
N ILE D 28 -45.31 18.77 -11.27
CA ILE D 28 -46.18 17.76 -11.83
C ILE D 28 -46.58 16.76 -10.75
N LYS D 29 -47.53 15.89 -11.07
CA LYS D 29 -47.93 14.84 -10.16
C LYS D 29 -46.80 13.84 -9.95
N VAL D 30 -46.73 13.30 -8.73
CA VAL D 30 -45.70 12.31 -8.44
C VAL D 30 -45.90 11.05 -9.25
N SER D 31 -47.14 10.68 -9.54
CA SER D 31 -47.41 9.43 -10.25
C SER D 31 -46.73 9.40 -11.61
N LYS D 32 -46.92 10.44 -12.42
CA LYS D 32 -46.35 10.41 -13.76
C LYS D 32 -44.84 10.54 -13.73
N ALA D 33 -44.28 11.30 -12.78
CA ALA D 33 -42.83 11.40 -12.67
C ALA D 33 -42.22 10.06 -12.29
N ALA D 34 -42.84 9.37 -11.34
CA ALA D 34 -42.38 8.03 -10.96
C ALA D 34 -42.51 7.06 -12.13
N ALA D 35 -43.59 7.16 -12.89
CA ALA D 35 -43.75 6.30 -14.06
C ALA D 35 -42.66 6.59 -15.09
N ASP D 36 -42.31 7.86 -15.28
CA ASP D 36 -41.22 8.19 -16.19
C ASP D 36 -39.90 7.60 -15.73
N LEU D 37 -39.62 7.70 -14.42
CA LEU D 37 -38.38 7.14 -13.91
C LEU D 37 -38.35 5.62 -14.08
N MET D 38 -39.48 4.96 -13.81
CA MET D 38 -39.58 3.52 -14.05
C MET D 38 -39.37 3.20 -15.53
N ALA D 39 -39.95 4.01 -16.42
CA ALA D 39 -39.81 3.77 -17.85
C ALA D 39 -38.36 3.88 -18.28
N TYR D 40 -37.64 4.88 -17.76
CA TYR D 40 -36.22 4.97 -18.07
C TYR D 40 -35.44 3.78 -17.51
N CYS D 41 -35.75 3.37 -16.28
CA CYS D 41 -35.05 2.22 -15.70
C CYS D 41 -35.24 0.97 -16.56
N GLU D 42 -36.47 0.74 -17.02
CA GLU D 42 -36.75 -0.48 -17.78
C GLU D 42 -36.21 -0.39 -19.21
N ALA D 43 -36.32 0.78 -19.84
CA ALA D 43 -35.93 0.91 -21.24
C ALA D 43 -34.45 0.65 -21.43
N HIS D 44 -33.61 1.22 -20.58
CA HIS D 44 -32.17 1.08 -20.69
C HIS D 44 -31.63 -0.12 -19.93
N ALA D 45 -32.50 -1.08 -19.60
CA ALA D 45 -32.06 -2.24 -18.82
C ALA D 45 -31.09 -3.11 -19.61
N LYS D 46 -31.38 -3.36 -20.88
CA LYS D 46 -30.62 -4.35 -21.64
C LYS D 46 -29.17 -3.92 -21.82
N GLU D 47 -28.91 -2.61 -21.90
CA GLU D 47 -27.56 -2.08 -22.07
C GLU D 47 -26.98 -1.59 -20.76
N ASP D 48 -27.33 -2.27 -19.66
CA ASP D 48 -26.76 -1.99 -18.34
C ASP D 48 -26.00 -3.22 -17.87
N PRO D 49 -24.67 -3.25 -18.01
CA PRO D 49 -23.93 -4.47 -17.62
C PRO D 49 -24.09 -4.85 -16.16
N LEU D 50 -24.37 -3.89 -15.28
CA LEU D 50 -24.47 -4.20 -13.86
C LEU D 50 -25.67 -5.10 -13.57
N LEU D 51 -26.80 -4.85 -14.22
CA LEU D 51 -27.98 -5.70 -14.04
C LEU D 51 -27.72 -7.13 -14.49
N THR D 52 -27.49 -7.31 -15.79
CA THR D 52 -27.28 -8.64 -16.35
C THR D 52 -25.79 -8.98 -16.27
N PRO D 53 -25.39 -10.08 -15.60
CA PRO D 53 -23.96 -10.42 -15.58
C PRO D 53 -23.42 -10.61 -16.99
N VAL D 54 -22.54 -9.71 -17.41
CA VAL D 54 -22.02 -9.75 -18.78
C VAL D 54 -21.09 -10.95 -18.91
N PRO D 55 -21.16 -11.74 -19.98
CA PRO D 55 -20.25 -12.87 -20.10
C PRO D 55 -18.81 -12.41 -20.31
N ALA D 56 -17.87 -13.27 -19.92
CA ALA D 56 -16.47 -12.92 -19.97
C ALA D 56 -15.96 -12.72 -21.40
N SER D 57 -16.74 -13.13 -22.41
CA SER D 57 -16.30 -12.97 -23.78
C SER D 57 -16.06 -11.50 -24.13
N GLU D 58 -16.97 -10.62 -23.71
CA GLU D 58 -16.84 -9.18 -23.95
C GLU D 58 -16.70 -8.39 -22.65
N ASN D 59 -16.37 -9.04 -21.54
CA ASN D 59 -16.16 -8.34 -20.28
C ASN D 59 -14.70 -7.87 -20.20
N PRO D 60 -14.43 -6.56 -20.15
CA PRO D 60 -13.04 -6.12 -20.06
C PRO D 60 -12.38 -6.43 -18.73
N PHE D 61 -13.14 -6.85 -17.73
CA PHE D 61 -12.61 -7.22 -16.42
C PHE D 61 -12.75 -8.71 -16.22
N ARG D 62 -11.64 -9.38 -15.95
CA ARG D 62 -11.62 -10.83 -15.71
C ARG D 62 -11.27 -11.12 -14.26
N ASP E 4 11.07 25.51 -24.62
CA ASP E 4 10.51 24.47 -25.54
C ASP E 4 11.42 23.25 -25.58
N VAL E 5 10.84 22.10 -25.94
CA VAL E 5 11.60 20.85 -25.96
C VAL E 5 12.65 20.93 -27.06
N GLN E 6 13.87 20.50 -26.73
CA GLN E 6 14.97 20.57 -27.67
C GLN E 6 15.95 19.43 -27.41
N LEU E 7 16.29 18.71 -28.47
CA LEU E 7 17.29 17.64 -28.43
C LEU E 7 18.38 18.00 -29.44
N VAL E 8 19.61 18.08 -28.98
CA VAL E 8 20.75 18.43 -29.83
C VAL E 8 21.80 17.33 -29.71
N GLU E 9 22.17 16.74 -30.85
CA GLU E 9 23.17 15.69 -30.89
C GLU E 9 24.54 16.26 -31.24
N SER E 10 25.57 15.58 -30.77
CA SER E 10 26.94 15.98 -30.99
C SER E 10 27.83 14.74 -30.90
N GLY E 11 29.05 14.88 -31.39
CA GLY E 11 30.02 13.80 -31.41
C GLY E 11 30.19 13.13 -32.75
N GLY E 12 29.46 13.56 -33.77
CA GLY E 12 29.64 13.03 -35.10
C GLY E 12 30.86 13.62 -35.78
N GLY E 13 31.25 12.99 -36.88
CA GLY E 13 32.40 13.46 -37.63
C GLY E 13 32.98 12.33 -38.48
N LEU E 14 34.21 12.54 -38.93
CA LEU E 14 34.93 11.58 -39.75
C LEU E 14 35.73 10.67 -38.82
N VAL E 15 35.51 9.36 -38.96
CA VAL E 15 36.18 8.37 -38.11
C VAL E 15 36.67 7.23 -38.99
N GLN E 16 37.91 6.82 -38.77
CA GLN E 16 38.49 5.73 -39.52
C GLN E 16 37.69 4.45 -39.24
N PRO E 17 37.32 3.66 -40.25
CA PRO E 17 36.64 2.39 -39.96
C PRO E 17 37.48 1.51 -39.05
N GLY E 18 36.78 0.85 -38.12
CA GLY E 18 37.42 0.13 -37.03
C GLY E 18 37.60 0.95 -35.77
N GLY E 19 37.30 2.25 -35.80
CA GLY E 19 37.43 3.10 -34.65
C GLY E 19 36.19 3.07 -33.77
N SER E 20 36.19 3.98 -32.78
CA SER E 20 35.10 4.12 -31.83
C SER E 20 34.75 5.58 -31.66
N ARG E 21 33.50 5.83 -31.28
CA ARG E 21 33.02 7.20 -31.08
C ARG E 21 31.75 7.15 -30.23
N LYS E 22 31.58 8.18 -29.41
CA LYS E 22 30.39 8.31 -28.56
C LYS E 22 29.56 9.49 -29.06
N LEU E 23 28.30 9.22 -29.40
CA LEU E 23 27.35 10.28 -29.70
C LEU E 23 26.66 10.69 -28.41
N SER E 24 26.49 12.00 -28.24
CA SER E 24 25.85 12.57 -27.05
C SER E 24 24.66 13.41 -27.47
N CYS E 25 23.55 13.25 -26.76
CA CYS E 25 22.30 13.95 -27.02
C CYS E 25 21.95 14.78 -25.78
N SER E 26 22.09 16.10 -25.89
CA SER E 26 21.69 17.00 -24.83
C SER E 26 20.20 17.32 -24.99
N ALA E 27 19.44 17.07 -23.93
CA ALA E 27 18.00 17.29 -23.91
C ALA E 27 17.68 18.46 -22.99
N SER E 28 16.66 19.25 -23.37
CA SER E 28 16.23 20.35 -22.54
C SER E 28 14.76 20.63 -22.83
N GLY E 29 14.11 21.29 -21.87
CA GLY E 29 12.73 21.69 -22.04
C GLY E 29 11.69 20.65 -21.72
N PHE E 30 12.08 19.50 -21.16
CA PHE E 30 11.12 18.48 -20.78
C PHE E 30 11.73 17.57 -19.74
N ALA E 31 10.87 16.82 -19.07
CA ALA E 31 11.26 15.91 -17.99
C ALA E 31 11.97 14.71 -18.60
N PHE E 32 13.26 14.88 -18.88
CA PHE E 32 14.02 13.87 -19.60
C PHE E 32 13.97 12.51 -18.91
N SER E 33 13.89 12.48 -17.59
CA SER E 33 13.89 11.20 -16.89
C SER E 33 12.64 10.39 -17.17
N SER E 34 11.52 11.04 -17.42
CA SER E 34 10.28 10.32 -17.66
C SER E 34 10.31 9.56 -18.98
N PHE E 35 11.03 10.08 -19.97
CA PHE E 35 10.97 9.56 -21.32
C PHE E 35 11.99 8.46 -21.57
N GLY E 36 11.55 7.40 -22.23
CA GLY E 36 12.46 6.53 -22.93
C GLY E 36 12.99 7.18 -24.19
N MET E 37 14.15 6.73 -24.63
CA MET E 37 14.84 7.34 -25.75
C MET E 37 15.28 6.28 -26.75
N HIS E 38 15.34 6.69 -28.01
CA HIS E 38 15.72 5.83 -29.12
C HIS E 38 16.80 6.51 -29.94
N TRP E 39 17.58 5.69 -30.65
CA TRP E 39 18.51 6.16 -31.67
C TRP E 39 18.09 5.60 -33.01
N VAL E 40 18.11 6.46 -34.04
CA VAL E 40 17.64 6.06 -35.37
C VAL E 40 18.61 6.62 -36.41
N ARG E 41 19.32 5.73 -37.09
CA ARG E 41 20.18 6.17 -38.19
C ARG E 41 19.40 6.45 -39.46
N GLN E 42 20.01 7.27 -40.30
CA GLN E 42 19.54 7.51 -41.67
C GLN E 42 20.79 7.65 -42.54
N ALA E 43 21.17 6.56 -43.20
CA ALA E 43 22.32 6.61 -44.08
C ALA E 43 22.01 7.53 -45.25
N PRO E 44 23.05 8.05 -45.93
CA PRO E 44 22.81 9.03 -47.00
C PRO E 44 21.89 8.49 -48.08
N GLU E 45 20.81 9.23 -48.33
CA GLU E 45 19.79 8.84 -49.30
C GLU E 45 19.22 7.46 -48.98
N LYS E 46 19.00 7.20 -47.70
CA LYS E 46 18.41 5.95 -47.23
C LYS E 46 17.34 6.26 -46.19
N GLY E 47 16.45 5.30 -46.00
CA GLY E 47 15.38 5.44 -45.03
C GLY E 47 15.89 5.32 -43.61
N LEU E 48 15.02 5.70 -42.68
CA LEU E 48 15.35 5.59 -41.26
C LEU E 48 15.56 4.14 -40.87
N GLU E 49 16.35 3.93 -39.82
CA GLU E 49 16.60 2.57 -39.33
C GLU E 49 16.84 2.65 -37.83
N TRP E 50 16.02 1.95 -37.06
CA TRP E 50 16.14 1.95 -35.61
C TRP E 50 17.46 1.31 -35.18
N VAL E 51 18.01 1.83 -34.08
CA VAL E 51 19.32 1.40 -33.59
C VAL E 51 19.17 0.77 -32.22
N ALA E 52 18.76 1.57 -31.24
CA ALA E 52 18.74 1.12 -29.87
C ALA E 52 17.69 1.90 -29.08
N TYR E 53 17.31 1.31 -27.95
CA TYR E 53 16.28 1.81 -27.06
C TYR E 53 16.71 1.70 -25.61
N ILE E 54 16.52 2.79 -24.88
CA ILE E 54 16.79 2.92 -23.44
C ILE E 54 15.50 3.37 -22.77
N SER E 55 14.94 2.52 -21.93
CA SER E 55 13.69 2.86 -21.26
C SER E 55 13.94 3.87 -20.15
N SER E 56 12.87 4.56 -19.75
CA SER E 56 12.94 5.43 -18.58
C SER E 56 13.35 4.63 -17.36
N GLY E 57 14.31 5.15 -16.62
CA GLY E 57 14.92 4.42 -15.53
C GLY E 57 15.99 3.43 -15.97
N SER E 58 16.30 3.38 -17.27
CA SER E 58 17.36 2.51 -17.78
C SER E 58 17.11 1.05 -17.45
N GLY E 59 15.84 0.65 -17.41
CA GLY E 59 15.50 -0.70 -17.02
C GLY E 59 15.71 -1.72 -18.13
N THR E 60 15.10 -1.47 -19.29
CA THR E 60 15.16 -2.37 -20.43
C THR E 60 16.00 -1.75 -21.54
N ILE E 61 16.79 -2.58 -22.22
CA ILE E 61 17.62 -2.16 -23.33
C ILE E 61 17.20 -2.97 -24.54
N TYR E 62 17.18 -2.35 -25.71
CA TYR E 62 17.05 -3.11 -26.96
C TYR E 62 17.99 -2.56 -28.01
N TYR E 63 18.42 -3.44 -28.91
CA TYR E 63 19.32 -3.08 -30.00
C TYR E 63 18.85 -3.74 -31.28
N ALA E 64 19.26 -3.16 -32.40
CA ALA E 64 19.10 -3.83 -33.67
C ALA E 64 20.14 -4.95 -33.79
N ASP E 65 19.78 -5.99 -34.54
CA ASP E 65 20.71 -7.09 -34.74
C ASP E 65 21.97 -6.65 -35.47
N THR E 66 21.90 -5.54 -36.23
CA THR E 66 23.06 -5.02 -36.94
C THR E 66 23.96 -4.17 -36.06
N VAL E 67 23.59 -3.92 -34.80
CA VAL E 67 24.42 -3.17 -33.88
C VAL E 67 24.61 -3.88 -32.55
N LYS E 68 23.99 -5.05 -32.35
CA LYS E 68 24.15 -5.78 -31.10
C LYS E 68 25.63 -6.05 -30.83
N GLY E 69 26.04 -5.81 -29.61
CA GLY E 69 27.43 -6.01 -29.21
C GLY E 69 28.33 -4.83 -29.46
N ARG E 70 28.30 -4.29 -30.68
CA ARG E 70 29.20 -3.19 -31.02
C ARG E 70 28.76 -1.89 -30.35
N PHE E 71 27.47 -1.58 -30.38
CA PHE E 71 26.95 -0.34 -29.82
C PHE E 71 26.47 -0.57 -28.39
N THR E 72 26.39 0.53 -27.64
CA THR E 72 25.85 0.51 -26.30
C THR E 72 25.09 1.81 -26.07
N ILE E 73 23.80 1.71 -25.79
CA ILE E 73 22.95 2.86 -25.51
C ILE E 73 22.90 3.06 -24.01
N SER E 74 23.05 4.30 -23.56
CA SER E 74 23.05 4.60 -22.14
C SER E 74 22.52 6.02 -21.97
N ARG E 75 22.30 6.39 -20.72
CA ARG E 75 21.81 7.73 -20.41
C ARG E 75 22.34 8.14 -19.05
N ASP E 76 22.02 9.38 -18.68
CA ASP E 76 22.14 9.78 -17.29
C ASP E 76 21.23 10.97 -17.03
N ASP E 77 20.19 10.73 -16.23
CA ASP E 77 19.14 11.71 -16.04
C ASP E 77 19.61 13.03 -15.44
N PRO E 78 20.51 13.05 -14.44
CA PRO E 78 20.82 14.34 -13.79
C PRO E 78 21.31 15.43 -14.73
N LYS E 79 22.08 15.10 -15.75
CA LYS E 79 22.51 16.09 -16.73
C LYS E 79 21.68 16.03 -18.01
N ASN E 80 20.56 15.30 -18.00
CA ASN E 80 19.59 15.32 -19.09
C ASN E 80 20.26 14.99 -20.41
N THR E 81 21.05 13.92 -20.41
CA THR E 81 21.84 13.54 -21.58
C THR E 81 21.68 12.06 -21.87
N LEU E 82 21.69 11.74 -23.16
CA LEU E 82 21.66 10.37 -23.67
C LEU E 82 22.96 10.12 -24.42
N PHE E 83 23.42 8.86 -24.43
CA PHE E 83 24.67 8.49 -25.07
C PHE E 83 24.47 7.25 -25.93
N LEU E 84 25.25 7.20 -27.01
CA LEU E 84 25.38 6.02 -27.85
C LEU E 84 26.87 5.79 -28.05
N GLN E 85 27.45 4.88 -27.27
CA GLN E 85 28.82 4.46 -27.49
C GLN E 85 28.85 3.51 -28.67
N MET E 86 29.82 3.70 -29.57
CA MET E 86 29.89 2.95 -30.81
C MET E 86 31.32 2.47 -30.99
N THR E 87 31.48 1.17 -31.24
CA THR E 87 32.78 0.54 -31.32
C THR E 87 32.86 -0.31 -32.58
N SER E 88 34.08 -0.51 -33.06
CA SER E 88 34.33 -1.32 -34.27
C SER E 88 33.48 -0.83 -35.42
N LEU E 89 33.51 0.48 -35.65
CA LEU E 89 32.70 1.09 -36.69
C LEU E 89 33.00 0.55 -38.07
N ARG E 90 32.05 -0.16 -38.66
CA ARG E 90 32.17 -0.65 -40.01
C ARG E 90 31.73 0.43 -41.00
N SER E 91 31.94 0.14 -42.29
CA SER E 91 31.72 1.17 -43.31
C SER E 91 30.27 1.60 -43.37
N GLU E 92 29.34 0.64 -43.28
CA GLU E 92 27.92 0.94 -43.46
C GLU E 92 27.27 1.55 -42.22
N ASP E 93 28.04 2.06 -41.28
CA ASP E 93 27.51 2.87 -40.18
C ASP E 93 27.52 4.36 -40.50
N THR E 94 27.96 4.76 -41.70
CA THR E 94 27.90 6.16 -42.10
C THR E 94 26.45 6.59 -42.16
N ALA E 95 26.04 7.51 -41.29
CA ALA E 95 24.64 7.90 -41.24
C ALA E 95 24.50 9.13 -40.38
N MET E 96 23.33 9.76 -40.45
CA MET E 96 23.00 10.89 -39.60
C MET E 96 22.03 10.41 -38.53
N TYR E 97 22.53 10.34 -37.30
CA TYR E 97 21.85 9.71 -36.18
C TYR E 97 20.85 10.68 -35.57
N TYR E 98 19.62 10.20 -35.35
CA TYR E 98 18.57 10.95 -34.69
C TYR E 98 18.38 10.45 -33.27
N CYS E 99 18.19 11.39 -32.36
CA CYS E 99 17.90 11.16 -30.95
C CYS E 99 16.41 11.39 -30.73
N VAL E 100 15.65 10.31 -30.52
CA VAL E 100 14.19 10.37 -30.53
C VAL E 100 13.68 10.16 -29.12
N ARG E 101 12.69 10.96 -28.73
CA ARG E 101 12.05 10.92 -27.44
C ARG E 101 10.76 10.11 -27.53
N SER E 102 10.42 9.40 -26.46
CA SER E 102 9.30 8.47 -26.51
C SER E 102 8.82 8.15 -25.10
N ILE E 103 7.52 8.34 -24.85
CA ILE E 103 6.91 8.07 -23.55
C ILE E 103 5.82 7.03 -23.75
N TYR E 104 5.81 6.02 -22.87
CA TYR E 104 4.89 4.89 -22.96
C TYR E 104 3.95 4.89 -21.77
N TYR E 105 2.69 5.21 -22.02
CA TYR E 105 1.59 4.98 -21.10
C TYR E 105 0.31 5.02 -21.92
N TYR E 106 -0.80 4.70 -21.27
CA TYR E 106 -2.06 4.62 -22.00
C TYR E 106 -2.37 5.96 -22.65
N GLY E 107 -2.60 5.94 -23.96
CA GLY E 107 -2.93 7.15 -24.67
C GLY E 107 -1.76 8.09 -24.91
N SER E 108 -0.54 7.59 -24.77
CA SER E 108 0.64 8.42 -24.97
C SER E 108 0.97 8.52 -26.47
N SER E 109 2.00 9.30 -26.78
CA SER E 109 2.43 9.55 -28.16
C SER E 109 3.93 9.28 -28.26
N PRO E 110 4.33 8.03 -28.41
CA PRO E 110 5.76 7.72 -28.57
C PRO E 110 6.34 8.30 -29.85
N PHE E 111 7.66 8.54 -29.81
CA PHE E 111 8.40 9.10 -30.94
C PHE E 111 7.88 10.48 -31.33
N ASP E 112 7.31 11.22 -30.37
CA ASP E 112 6.68 12.49 -30.70
C ASP E 112 7.70 13.51 -31.18
N PHE E 113 8.86 13.59 -30.54
CA PHE E 113 9.87 14.60 -30.85
C PHE E 113 11.17 13.94 -31.28
N TRP E 114 11.77 14.48 -32.34
CA TRP E 114 13.04 14.03 -32.87
C TRP E 114 14.05 15.16 -32.82
N GLY E 115 15.27 14.86 -32.42
CA GLY E 115 16.32 15.85 -32.45
C GLY E 115 16.77 16.15 -33.87
N GLN E 116 17.58 17.20 -33.99
CA GLN E 116 18.05 17.61 -35.32
C GLN E 116 18.89 16.51 -35.95
N GLY E 117 19.77 15.91 -35.20
CA GLY E 117 20.55 14.77 -35.64
C GLY E 117 21.99 15.17 -35.95
N THR E 118 22.90 14.22 -35.73
CA THR E 118 24.33 14.44 -35.92
C THR E 118 24.86 13.50 -36.99
N THR E 119 25.63 14.02 -37.93
CA THR E 119 26.14 13.23 -39.04
C THR E 119 27.46 12.59 -38.67
N LEU E 120 27.63 11.33 -39.08
CA LEU E 120 28.85 10.56 -38.85
C LEU E 120 29.20 9.86 -40.15
N THR E 121 30.48 9.95 -40.53
CA THR E 121 30.97 9.37 -41.78
C THR E 121 32.15 8.48 -41.46
N VAL E 122 31.92 7.17 -41.55
CA VAL E 122 32.98 6.18 -41.41
C VAL E 122 33.58 5.95 -42.79
N SER E 123 34.83 6.38 -42.97
CA SER E 123 35.50 6.27 -44.26
C SER E 123 37.00 6.32 -44.03
N SER E 124 37.74 5.97 -45.08
CA SER E 124 39.20 6.01 -45.02
C SER E 124 39.69 7.43 -44.82
N ASP E 128 11.66 -10.78 -37.57
CA ASP E 128 11.64 -9.31 -37.76
C ASP E 128 10.56 -8.90 -38.75
N ILE E 129 9.74 -7.93 -38.35
CA ILE E 129 8.66 -7.46 -39.19
C ILE E 129 9.25 -6.55 -40.26
N VAL E 130 8.96 -6.85 -41.53
CA VAL E 130 9.46 -6.07 -42.65
C VAL E 130 8.32 -5.17 -43.13
N MET E 131 8.60 -3.87 -43.19
CA MET E 131 7.61 -2.87 -43.58
C MET E 131 7.96 -2.38 -44.98
N THR E 132 6.96 -2.34 -45.86
CA THR E 132 7.18 -2.06 -47.27
C THR E 132 6.31 -0.90 -47.73
N GLN E 133 6.89 -0.03 -48.54
CA GLN E 133 6.19 1.06 -49.20
C GLN E 133 6.51 0.98 -50.69
N ALA E 134 5.49 0.72 -51.50
CA ALA E 134 5.72 0.47 -52.92
C ALA E 134 6.12 1.76 -53.66
N THR E 135 5.40 2.84 -53.42
CA THR E 135 5.56 4.06 -54.18
C THR E 135 6.73 4.88 -53.65
N SER E 136 7.28 5.71 -54.54
CA SER E 136 8.31 6.68 -54.16
C SER E 136 8.37 7.74 -55.25
N SER E 137 8.90 8.91 -54.88
CA SER E 137 9.04 10.04 -55.79
C SER E 137 7.71 10.38 -56.46
N VAL E 138 6.65 10.39 -55.65
CA VAL E 138 5.30 10.66 -56.14
C VAL E 138 5.15 12.15 -56.39
N PRO E 139 4.84 12.60 -57.61
CA PRO E 139 4.64 14.05 -57.84
C PRO E 139 3.23 14.45 -57.45
N VAL E 140 3.11 15.59 -56.77
CA VAL E 140 1.81 16.10 -56.35
C VAL E 140 1.83 17.63 -56.45
N THR E 141 0.91 18.17 -57.25
CA THR E 141 0.66 19.60 -57.22
C THR E 141 -0.19 19.93 -56.00
N PRO E 142 -0.03 21.12 -55.41
CA PRO E 142 -0.77 21.40 -54.17
C PRO E 142 -2.24 21.64 -54.43
N GLY E 143 -3.04 21.37 -53.40
CA GLY E 143 -4.47 21.63 -53.45
C GLY E 143 -5.35 20.41 -53.25
N GLU E 144 -5.01 19.30 -53.90
CA GLU E 144 -5.80 18.08 -53.81
C GLU E 144 -5.28 17.19 -52.69
N SER E 145 -5.75 15.95 -52.65
CA SER E 145 -5.42 14.99 -51.59
C SER E 145 -4.61 13.85 -52.17
N VAL E 146 -3.77 13.24 -51.33
CA VAL E 146 -3.01 12.06 -51.71
C VAL E 146 -3.08 11.03 -50.60
N SER E 147 -2.80 9.78 -50.96
CA SER E 147 -2.75 8.68 -50.01
C SER E 147 -1.47 7.89 -50.24
N ILE E 148 -0.77 7.56 -49.15
CA ILE E 148 0.44 6.76 -49.18
C ILE E 148 0.18 5.46 -48.41
N SER E 149 0.71 4.35 -48.94
CA SER E 149 0.40 3.02 -48.43
C SER E 149 1.65 2.36 -47.87
N CYS E 150 1.49 1.66 -46.75
CA CYS E 150 2.54 0.90 -46.11
C CYS E 150 1.98 -0.46 -45.70
N ARG E 151 2.73 -1.52 -45.97
CA ARG E 151 2.29 -2.88 -45.72
C ARG E 151 3.26 -3.58 -44.79
N SER E 152 2.73 -4.49 -43.98
CA SER E 152 3.51 -5.22 -42.98
C SER E 152 3.36 -6.71 -43.19
N SER E 153 4.45 -7.45 -43.00
CA SER E 153 4.41 -8.90 -43.17
C SER E 153 3.59 -9.57 -42.07
N LYS E 154 3.56 -8.97 -40.88
CA LYS E 154 2.86 -9.52 -39.72
C LYS E 154 1.82 -8.51 -39.27
N SER E 155 0.64 -9.01 -38.93
CA SER E 155 -0.45 -8.13 -38.49
C SER E 155 -0.02 -7.34 -37.26
N LEU E 156 -0.15 -6.03 -37.34
CA LEU E 156 0.25 -5.14 -36.25
C LEU E 156 -0.87 -4.92 -35.23
N LEU E 157 -2.04 -5.51 -35.44
CA LEU E 157 -3.13 -5.42 -34.47
C LEU E 157 -2.85 -6.40 -33.34
N HIS E 158 -2.59 -5.87 -32.14
CA HIS E 158 -2.40 -6.71 -30.97
C HIS E 158 -3.74 -7.13 -30.38
N SER E 159 -3.69 -8.14 -29.51
CA SER E 159 -4.90 -8.66 -28.91
C SER E 159 -5.62 -7.60 -28.08
N ASN E 160 -4.87 -6.80 -27.33
CA ASN E 160 -5.49 -5.81 -26.44
C ASN E 160 -6.33 -4.80 -27.20
N GLY E 161 -6.11 -4.63 -28.51
CA GLY E 161 -7.01 -3.89 -29.36
C GLY E 161 -6.48 -2.60 -29.94
N ASN E 162 -5.22 -2.27 -29.73
CA ASN E 162 -4.61 -1.08 -30.31
C ASN E 162 -3.50 -1.49 -31.28
N THR E 163 -3.54 -0.93 -32.47
CA THR E 163 -2.58 -1.22 -33.52
C THR E 163 -1.39 -0.26 -33.40
N TYR E 164 -0.24 -0.71 -33.89
CA TYR E 164 1.02 -0.02 -33.62
C TYR E 164 1.79 0.38 -34.87
N LEU E 165 1.15 1.07 -35.81
CA LEU E 165 1.87 1.73 -36.90
C LEU E 165 2.01 3.22 -36.58
N TYR E 166 3.21 3.74 -36.84
CA TYR E 166 3.51 5.16 -36.63
C TYR E 166 3.89 5.75 -37.98
N TRP E 167 3.28 6.89 -38.33
CA TRP E 167 3.62 7.63 -39.53
C TRP E 167 4.42 8.87 -39.15
N PHE E 168 5.56 9.06 -39.82
CA PHE E 168 6.44 10.21 -39.63
C PHE E 168 6.62 10.94 -40.95
N LEU E 169 6.80 12.26 -40.85
CA LEU E 169 7.11 13.10 -42.00
C LEU E 169 8.47 13.74 -41.80
N GLN E 170 9.30 13.68 -42.84
CA GLN E 170 10.62 14.30 -42.86
C GLN E 170 10.67 15.28 -44.02
N ARG E 171 10.54 16.56 -43.72
CA ARG E 171 10.79 17.58 -44.73
C ARG E 171 12.29 17.63 -45.05
N PRO E 172 12.66 18.03 -46.26
CA PRO E 172 14.08 18.01 -46.63
C PRO E 172 14.90 18.90 -45.72
N GLY E 173 16.09 18.41 -45.36
CA GLY E 173 16.97 19.16 -44.50
C GLY E 173 16.41 19.44 -43.12
N GLN E 174 15.63 18.50 -42.57
CA GLN E 174 15.04 18.70 -41.26
C GLN E 174 14.69 17.34 -40.67
N SER E 175 14.68 17.28 -39.34
CA SER E 175 14.45 16.02 -38.66
C SER E 175 13.01 15.55 -38.91
N PRO E 176 12.77 14.23 -38.90
CA PRO E 176 11.39 13.77 -39.06
C PRO E 176 10.54 14.11 -37.86
N GLN E 177 9.24 14.22 -38.07
CA GLN E 177 8.29 14.52 -37.02
C GLN E 177 7.13 13.53 -37.07
N LEU E 178 6.61 13.20 -35.88
CA LEU E 178 5.51 12.25 -35.77
C LEU E 178 4.24 12.87 -36.32
N LEU E 179 3.64 12.20 -37.31
CA LEU E 179 2.32 12.57 -37.79
C LEU E 179 1.23 11.78 -37.08
N ILE E 180 1.33 10.45 -37.12
CA ILE E 180 0.28 9.58 -36.60
C ILE E 180 0.93 8.55 -35.69
N TYR E 181 0.29 8.26 -34.55
CA TYR E 181 0.68 7.17 -33.69
C TYR E 181 -0.48 6.20 -33.51
N ARG E 182 -0.20 4.90 -33.66
CA ARG E 182 -1.21 3.85 -33.64
C ARG E 182 -2.26 4.06 -34.72
N MET E 183 -1.81 4.52 -35.88
CA MET E 183 -2.49 4.53 -37.18
C MET E 183 -3.81 5.29 -37.21
N SER E 184 -4.23 5.86 -36.09
CA SER E 184 -5.47 6.64 -36.04
C SER E 184 -5.30 7.98 -35.35
N ASN E 185 -4.44 8.05 -34.33
CA ASN E 185 -4.38 9.22 -33.47
C ASN E 185 -3.47 10.26 -34.07
N LEU E 186 -3.99 11.47 -34.27
CA LEU E 186 -3.19 12.56 -34.79
C LEU E 186 -2.27 13.09 -33.70
N ALA E 187 -0.98 13.19 -34.00
CA ALA E 187 -0.01 13.67 -33.02
C ALA E 187 -0.26 15.15 -32.71
N SER E 188 0.15 15.55 -31.51
CA SER E 188 -0.08 16.92 -31.05
C SER E 188 0.61 17.91 -31.98
N GLY E 189 -0.12 18.96 -32.34
CA GLY E 189 0.41 20.00 -33.19
C GLY E 189 0.39 19.70 -34.67
N VAL E 190 -0.09 18.54 -35.08
CA VAL E 190 -0.14 18.17 -36.49
C VAL E 190 -1.46 18.65 -37.06
N PRO E 191 -1.50 19.26 -38.24
CA PRO E 191 -2.79 19.71 -38.80
C PRO E 191 -3.73 18.54 -39.04
N ASP E 192 -5.03 18.83 -38.93
CA ASP E 192 -6.06 17.79 -39.02
C ASP E 192 -6.12 17.13 -40.39
N ARG E 193 -5.54 17.75 -41.43
CA ARG E 193 -5.66 17.18 -42.78
C ARG E 193 -5.04 15.79 -42.86
N PHE E 194 -4.01 15.53 -42.06
CA PHE E 194 -3.41 14.20 -42.02
C PHE E 194 -4.36 13.24 -41.32
N SER E 195 -4.52 12.05 -41.88
CA SER E 195 -5.35 11.03 -41.24
C SER E 195 -4.81 9.64 -41.59
N GLY E 196 -5.05 8.69 -40.69
CA GLY E 196 -4.58 7.34 -40.85
C GLY E 196 -5.73 6.34 -40.83
N SER E 197 -5.56 5.26 -41.58
CA SER E 197 -6.58 4.21 -41.64
C SER E 197 -5.90 2.93 -42.11
N GLY E 198 -6.61 1.82 -41.99
CA GLY E 198 -6.14 0.59 -42.59
C GLY E 198 -6.68 -0.63 -41.89
N SER E 199 -6.47 -1.76 -42.55
CA SER E 199 -6.78 -3.07 -41.98
C SER E 199 -5.50 -3.68 -41.47
N GLY E 200 -5.60 -4.55 -40.47
CA GLY E 200 -4.48 -4.90 -39.62
C GLY E 200 -3.12 -5.19 -40.26
N THR E 201 -3.09 -5.51 -41.56
CA THR E 201 -1.85 -5.81 -42.26
C THR E 201 -1.43 -4.76 -43.28
N ALA E 202 -2.36 -4.00 -43.83
CA ALA E 202 -2.07 -2.95 -44.81
C ALA E 202 -2.70 -1.65 -44.34
N PHE E 203 -1.90 -0.58 -44.35
CA PHE E 203 -2.20 0.69 -43.69
C PHE E 203 -1.96 1.82 -44.68
N THR E 204 -2.70 2.92 -44.51
CA THR E 204 -2.60 4.07 -45.39
C THR E 204 -2.71 5.36 -44.59
N LEU E 205 -1.96 6.38 -45.02
CA LEU E 205 -2.07 7.73 -44.49
C LEU E 205 -2.45 8.66 -45.63
N THR E 206 -3.46 9.49 -45.41
CA THR E 206 -4.00 10.37 -46.43
C THR E 206 -3.92 11.82 -45.96
N ILE E 207 -3.52 12.70 -46.89
CA ILE E 207 -3.44 14.14 -46.66
C ILE E 207 -4.48 14.78 -47.55
N SER E 208 -5.39 15.56 -46.95
CA SER E 208 -6.49 16.17 -47.69
C SER E 208 -5.99 17.27 -48.63
N ARG E 209 -5.38 18.24 -48.05
CA ARG E 209 -4.82 19.36 -48.81
C ARG E 209 -3.32 19.37 -48.64
N LEU E 210 -2.60 19.46 -49.81
CA LEU E 210 -1.13 19.33 -49.80
C LEU E 210 -0.52 20.72 -49.94
N GLU E 211 -0.45 21.43 -48.81
CA GLU E 211 0.32 22.66 -48.79
C GLU E 211 1.80 22.35 -48.97
N ALA E 212 2.49 23.25 -49.68
CA ALA E 212 3.87 22.99 -50.07
C ALA E 212 4.78 22.74 -48.88
N GLU E 213 4.41 23.22 -47.69
CA GLU E 213 5.24 23.03 -46.52
C GLU E 213 5.37 21.57 -46.12
N ASP E 214 4.43 20.71 -46.52
CA ASP E 214 4.41 19.32 -46.09
C ASP E 214 5.07 18.36 -47.08
N VAL E 215 5.73 18.87 -48.12
CA VAL E 215 6.45 17.98 -49.02
C VAL E 215 7.61 17.35 -48.27
N GLY E 216 8.02 16.17 -48.70
CA GLY E 216 9.09 15.44 -48.06
C GLY E 216 8.83 13.95 -48.10
N VAL E 217 9.55 13.22 -47.25
CA VAL E 217 9.52 11.76 -47.25
C VAL E 217 8.70 11.30 -46.05
N TYR E 218 7.75 10.41 -46.29
CA TYR E 218 6.88 9.86 -45.25
C TYR E 218 7.29 8.43 -44.96
N TYR E 219 7.53 8.13 -43.69
CA TYR E 219 7.97 6.81 -43.25
C TYR E 219 6.92 6.17 -42.35
N CYS E 220 6.86 4.84 -42.41
CA CYS E 220 6.00 4.04 -41.55
C CYS E 220 6.87 3.12 -40.71
N MET E 221 6.55 3.04 -39.41
CA MET E 221 7.30 2.23 -38.46
C MET E 221 6.35 1.37 -37.65
N GLN E 222 6.76 0.14 -37.37
CA GLN E 222 5.99 -0.77 -36.53
C GLN E 222 6.51 -0.70 -35.10
N HIS E 223 5.59 -0.77 -34.13
CA HIS E 223 5.97 -0.82 -32.72
C HIS E 223 5.35 -2.02 -32.02
N LEU E 224 4.93 -3.04 -32.76
CA LEU E 224 4.38 -4.23 -32.13
C LEU E 224 5.43 -4.95 -31.30
N GLU E 225 6.64 -5.07 -31.83
CA GLU E 225 7.70 -5.81 -31.14
C GLU E 225 9.04 -5.36 -31.68
N TYR E 226 10.04 -5.39 -30.81
CA TYR E 226 11.39 -5.03 -31.26
C TYR E 226 11.99 -6.18 -32.08
N PRO E 227 12.91 -5.86 -33.01
CA PRO E 227 13.44 -4.54 -33.36
C PRO E 227 12.45 -3.71 -34.17
N LEU E 228 12.34 -2.43 -33.86
CA LEU E 228 11.46 -1.56 -34.63
C LEU E 228 12.01 -1.41 -36.05
N THR E 229 11.11 -1.44 -37.03
CA THR E 229 11.50 -1.44 -38.44
C THR E 229 10.75 -0.33 -39.16
N PHE E 230 11.49 0.55 -39.82
CA PHE E 230 10.91 1.56 -40.69
C PHE E 230 10.83 1.01 -42.12
N GLY E 231 9.92 1.58 -42.89
CA GLY E 231 9.88 1.31 -44.30
C GLY E 231 10.66 2.34 -45.10
N ALA E 232 10.99 1.99 -46.34
CA ALA E 232 11.60 2.95 -47.24
C ALA E 232 10.56 4.02 -47.58
N GLY E 233 10.76 5.23 -47.06
CA GLY E 233 9.69 6.21 -47.09
C GLY E 233 9.31 6.61 -48.51
N THR E 234 8.06 7.00 -48.65
CA THR E 234 7.53 7.50 -49.92
C THR E 234 7.76 9.00 -49.99
N LYS E 235 8.37 9.46 -51.08
CA LYS E 235 8.64 10.88 -51.26
C LYS E 235 7.47 11.56 -51.95
N LEU E 236 7.01 12.67 -51.40
CA LEU E 236 6.08 13.57 -52.06
C LEU E 236 6.83 14.86 -52.40
N GLU E 237 6.74 15.25 -53.66
CA GLU E 237 7.42 16.43 -54.17
C GLU E 237 6.43 17.25 -54.97
N LEU E 238 6.66 18.56 -55.01
CA LEU E 238 5.77 19.48 -55.70
C LEU E 238 5.60 19.09 -57.17
C1 NAG F . 35.27 -53.16 10.74
C2 NAG F . 35.43 -52.16 9.59
C3 NAG F . 36.17 -52.81 8.42
C4 NAG F . 37.48 -53.43 8.92
C5 NAG F . 37.21 -54.35 10.10
C6 NAG F . 38.49 -54.92 10.69
C7 NAG F . 33.17 -52.40 8.68
C8 NAG F . 31.91 -51.68 8.30
N2 NAG F . 34.15 -51.64 9.16
O3 NAG F . 36.44 -51.84 7.43
O4 NAG F . 38.10 -54.17 7.86
O5 NAG F . 36.55 -53.63 11.14
O6 NAG F . 39.22 -55.66 9.72
O7 NAG F . 33.27 -53.61 8.56
#